data_6G99
#
_entry.id   6G99
#
loop_
_entity.id
_entity.type
_entity.pdbx_description
1 polymer 'RNA-binding protein FUS'
2 polymer "RNA (5'-R(*UP*GP*GP*UP*G)-3')"
3 non-polymer 'ZINC ION'
#
loop_
_entity_poly.entity_id
_entity_poly.type
_entity_poly.pdbx_seq_one_letter_code
_entity_poly.pdbx_strand_id
1 'polypeptide(L)' GPLGSGQQRAGDWKCPNPTCENMNFSWRNECNQCKAPKPDG B
2 'polyribonucleotide' UGGUG A
#
loop_
_chem_comp.id
_chem_comp.type
_chem_comp.name
_chem_comp.formula
G RNA linking GUANOSINE-5'-MONOPHOSPHATE 'C10 H14 N5 O8 P'
U RNA linking URIDINE-5'-MONOPHOSPHATE 'C9 H13 N2 O9 P'
ZN non-polymer 'ZINC ION' 'Zn 2'
#
# COMPACT_ATOMS: atom_id res chain seq x y z
N GLY A 1 -18.86 -14.47 7.84
CA GLY A 1 -18.20 -15.22 6.75
C GLY A 1 -16.80 -14.69 6.47
N PRO A 2 -16.04 -15.38 5.62
CA PRO A 2 -14.68 -15.01 5.26
C PRO A 2 -14.67 -13.78 4.34
N LEU A 3 -15.82 -13.41 3.80
CA LEU A 3 -15.94 -12.25 2.91
C LEU A 3 -15.79 -10.95 3.70
N GLY A 4 -15.52 -9.85 2.99
CA GLY A 4 -15.36 -8.54 3.61
C GLY A 4 -15.20 -7.45 2.56
N SER A 5 -15.07 -6.20 3.00
CA SER A 5 -14.92 -5.05 2.12
C SER A 5 -13.53 -5.00 1.47
N GLY A 6 -12.64 -5.93 1.83
CA GLY A 6 -11.29 -5.97 1.29
C GLY A 6 -11.30 -6.41 -0.16
N GLN A 7 -10.30 -5.96 -0.93
CA GLN A 7 -10.19 -6.28 -2.35
C GLN A 7 -8.70 -6.36 -2.75
N GLN A 8 -8.45 -6.83 -3.98
CA GLN A 8 -7.10 -6.89 -4.53
C GLN A 8 -7.19 -6.69 -6.04
N ARG A 9 -6.30 -5.86 -6.60
CA ARG A 9 -6.32 -5.54 -8.03
C ARG A 9 -4.91 -5.44 -8.57
N ALA A 10 -4.74 -5.71 -9.86
CA ALA A 10 -3.44 -5.62 -10.51
C ALA A 10 -2.96 -4.18 -10.46
N GLY A 11 -1.72 -3.98 -10.00
CA GLY A 11 -1.11 -2.67 -9.89
C GLY A 11 -1.09 -2.20 -8.44
N ASP A 12 -1.77 -2.91 -7.55
CA ASP A 12 -1.70 -2.64 -6.12
C ASP A 12 -0.28 -2.80 -5.59
N TRP A 13 0.02 -2.18 -4.44
CA TRP A 13 1.37 -2.23 -3.90
C TRP A 13 1.37 -2.12 -2.38
N LYS A 14 2.32 -2.79 -1.72
CA LYS A 14 2.40 -2.79 -0.27
C LYS A 14 3.39 -1.74 0.19
N CYS A 15 3.13 -1.15 1.35
CA CYS A 15 3.99 -0.12 1.91
C CYS A 15 5.39 -0.70 2.18
N PRO A 16 6.45 -0.01 1.72
CA PRO A 16 7.83 -0.45 1.88
C PRO A 16 8.32 -0.26 3.31
N ASN A 17 7.58 0.52 4.11
CA ASN A 17 7.97 0.78 5.49
C ASN A 17 7.78 -0.50 6.31
N PRO A 18 8.83 -0.98 7.01
CA PRO A 18 8.73 -2.16 7.85
C PRO A 18 7.84 -1.88 9.06
N THR A 19 7.60 -0.61 9.36
CA THR A 19 6.71 -0.19 10.44
C THR A 19 5.26 0.00 9.98
N CYS A 20 5.00 -0.26 8.69
CA CYS A 20 3.70 -0.03 8.08
C CYS A 20 3.16 -1.34 7.48
N GLU A 21 3.79 -1.78 6.39
CA GLU A 21 3.39 -2.97 5.64
C GLU A 21 1.91 -2.95 5.24
N ASN A 22 1.28 -1.77 5.27
CA ASN A 22 -0.12 -1.65 4.88
C ASN A 22 -0.23 -1.85 3.36
N MET A 23 -1.34 -2.44 2.92
CA MET A 23 -1.57 -2.62 1.49
C MET A 23 -2.20 -1.34 0.94
N ASN A 24 -1.74 -0.88 -0.23
CA ASN A 24 -2.20 0.37 -0.80
C ASN A 24 -2.77 0.16 -2.20
N PHE A 25 -3.80 0.94 -2.54
CA PHE A 25 -4.45 0.87 -3.84
C PHE A 25 -3.50 1.31 -4.97
N SER A 26 -3.74 0.83 -6.18
CA SER A 26 -2.83 1.05 -7.31
C SER A 26 -2.70 2.53 -7.66
N TRP A 27 -3.77 3.32 -7.46
CA TRP A 27 -3.77 4.72 -7.84
C TRP A 27 -3.06 5.61 -6.81
N ARG A 28 -2.71 5.05 -5.65
CA ARG A 28 -1.96 5.81 -4.65
C ARG A 28 -0.48 5.86 -5.03
N ASN A 29 0.19 6.96 -4.69
CA ASN A 29 1.63 7.11 -4.89
C ASN A 29 2.36 7.14 -3.55
N GLU A 30 1.60 7.16 -2.44
CA GLU A 30 2.15 7.17 -1.10
C GLU A 30 1.30 6.29 -0.18
N CYS A 31 1.90 5.88 0.94
CA CYS A 31 1.26 4.99 1.89
C CYS A 31 0.04 5.66 2.51
N ASN A 32 -0.98 4.86 2.83
CA ASN A 32 -2.23 5.36 3.37
C ASN A 32 -2.10 5.62 4.88
N GLN A 33 -0.94 5.31 5.48
CA GLN A 33 -0.79 5.37 6.93
C GLN A 33 0.51 6.04 7.36
N CYS A 34 1.59 5.81 6.62
CA CYS A 34 2.90 6.36 6.96
C CYS A 34 3.43 7.28 5.85
N LYS A 35 2.62 7.49 4.81
CA LYS A 35 2.95 8.42 3.72
C LYS A 35 4.26 8.05 3.00
N ALA A 36 4.77 6.83 3.21
CA ALA A 36 5.96 6.38 2.52
C ALA A 36 5.69 6.27 1.02
N PRO A 37 6.64 6.66 0.17
CA PRO A 37 6.45 6.68 -1.27
C PRO A 37 6.37 5.26 -1.83
N LYS A 38 5.61 5.09 -2.91
CA LYS A 38 5.54 3.82 -3.62
C LYS A 38 6.88 3.50 -4.30
N PRO A 39 7.42 4.41 -5.14
CA PRO A 39 8.75 4.28 -5.70
C PRO A 39 9.80 4.42 -4.60
N ASP A 40 11.06 4.08 -4.92
CA ASP A 40 12.17 4.17 -3.98
C ASP A 40 12.57 5.61 -3.66
N GLY A 41 11.95 6.58 -4.34
CA GLY A 41 12.24 8.00 -4.14
C GLY A 41 11.36 8.86 -5.03
ZN ZN C . 3.04 2.67 5.05
N GLY A 1 3.83 -8.11 9.52
CA GLY A 1 2.74 -8.65 8.71
C GLY A 1 1.84 -7.52 8.21
N PRO A 2 1.32 -7.66 6.98
CA PRO A 2 0.46 -6.68 6.34
C PRO A 2 -0.89 -6.58 7.05
N LEU A 3 -1.59 -5.47 6.85
CA LEU A 3 -2.90 -5.26 7.47
C LEU A 3 -3.91 -6.24 6.87
N GLY A 4 -4.70 -6.89 7.72
CA GLY A 4 -5.68 -7.87 7.31
C GLY A 4 -6.99 -7.22 6.84
N SER A 5 -7.89 -8.04 6.30
CA SER A 5 -9.21 -7.61 5.84
C SER A 5 -9.14 -6.53 4.75
N GLY A 6 -7.95 -6.26 4.21
CA GLY A 6 -7.78 -5.25 3.18
C GLY A 6 -8.12 -5.81 1.81
N GLN A 7 -8.59 -4.94 0.92
CA GLN A 7 -8.89 -5.31 -0.46
C GLN A 7 -7.59 -5.45 -1.26
N GLN A 8 -7.64 -6.13 -2.41
CA GLN A 8 -6.47 -6.32 -3.25
C GLN A 8 -6.87 -6.48 -4.71
N ARG A 9 -6.12 -5.82 -5.61
CA ARG A 9 -6.33 -5.89 -7.05
C ARG A 9 -4.98 -5.77 -7.77
N ALA A 10 -4.94 -6.24 -9.01
CA ALA A 10 -3.73 -6.17 -9.81
C ALA A 10 -3.32 -4.71 -10.00
N GLY A 11 -2.07 -4.39 -9.66
CA GLY A 11 -1.53 -3.04 -9.79
C GLY A 11 -1.34 -2.39 -8.41
N ASP A 12 -1.89 -3.01 -7.37
CA ASP A 12 -1.67 -2.54 -6.01
C ASP A 12 -0.21 -2.63 -5.59
N TRP A 13 0.13 -2.00 -4.47
CA TRP A 13 1.50 -2.02 -3.96
C TRP A 13 1.52 -1.89 -2.45
N LYS A 14 2.39 -2.67 -1.80
CA LYS A 14 2.48 -2.67 -0.34
C LYS A 14 3.48 -1.62 0.12
N CYS A 15 3.21 -1.00 1.27
CA CYS A 15 4.08 0.01 1.84
C CYS A 15 5.47 -0.60 2.13
N PRO A 16 6.54 0.09 1.69
CA PRO A 16 7.90 -0.38 1.87
C PRO A 16 8.35 -0.26 3.33
N ASN A 17 7.60 0.49 4.15
CA ASN A 17 7.94 0.68 5.55
C ASN A 17 7.68 -0.64 6.28
N PRO A 18 8.68 -1.19 7.00
CA PRO A 18 8.51 -2.42 7.75
C PRO A 18 7.56 -2.22 8.92
N THR A 19 7.33 -0.95 9.31
CA THR A 19 6.38 -0.60 10.36
C THR A 19 4.97 -0.34 9.83
N CYS A 20 4.78 -0.49 8.51
CA CYS A 20 3.52 -0.21 7.85
C CYS A 20 2.98 -1.46 7.17
N GLU A 21 3.65 -1.89 6.09
CA GLU A 21 3.27 -3.05 5.31
C GLU A 21 1.80 -3.02 4.86
N ASN A 22 1.19 -1.83 4.84
CA ASN A 22 -0.19 -1.68 4.40
C ASN A 22 -0.30 -1.90 2.90
N MET A 23 -1.38 -2.53 2.45
CA MET A 23 -1.63 -2.73 1.03
C MET A 23 -2.29 -1.49 0.46
N ASN A 24 -1.50 -0.64 -0.22
CA ASN A 24 -2.01 0.59 -0.81
C ASN A 24 -2.58 0.31 -2.20
N PHE A 25 -3.62 1.07 -2.58
CA PHE A 25 -4.25 0.90 -3.89
C PHE A 25 -3.37 1.38 -5.04
N SER A 26 -3.65 0.87 -6.24
CA SER A 26 -2.80 1.10 -7.41
C SER A 26 -2.69 2.58 -7.77
N TRP A 27 -3.72 3.37 -7.47
CA TRP A 27 -3.74 4.78 -7.83
C TRP A 27 -3.01 5.67 -6.82
N ARG A 28 -2.63 5.12 -5.66
CA ARG A 28 -1.86 5.87 -4.67
C ARG A 28 -0.39 5.94 -5.07
N ASN A 29 0.28 7.04 -4.73
CA ASN A 29 1.72 7.17 -4.93
C ASN A 29 2.44 7.25 -3.59
N GLU A 30 1.67 7.35 -2.49
CA GLU A 30 2.19 7.39 -1.14
C GLU A 30 1.37 6.46 -0.24
N CYS A 31 1.96 6.04 0.87
CA CYS A 31 1.32 5.13 1.80
C CYS A 31 0.10 5.79 2.43
N ASN A 32 -0.90 4.98 2.75
CA ASN A 32 -2.17 5.47 3.29
C ASN A 32 -2.11 5.51 4.82
N GLN A 33 -0.95 5.20 5.40
CA GLN A 33 -0.82 5.05 6.84
C GLN A 33 0.45 5.72 7.38
N CYS A 34 1.51 5.73 6.58
CA CYS A 34 2.79 6.33 6.98
C CYS A 34 3.33 7.27 5.90
N LYS A 35 2.57 7.47 4.83
CA LYS A 35 2.89 8.42 3.76
C LYS A 35 4.24 8.11 3.09
N ALA A 36 4.78 6.91 3.26
CA ALA A 36 6.00 6.51 2.59
C ALA A 36 5.73 6.42 1.08
N PRO A 37 6.70 6.84 0.24
CA PRO A 37 6.54 6.86 -1.20
C PRO A 37 6.48 5.44 -1.77
N LYS A 38 5.75 5.27 -2.87
CA LYS A 38 5.70 4.00 -3.59
C LYS A 38 7.06 3.70 -4.25
N PRO A 39 7.59 4.62 -5.08
CA PRO A 39 8.94 4.51 -5.61
C PRO A 39 9.96 4.67 -4.49
N ASP A 40 11.22 4.36 -4.79
CA ASP A 40 12.31 4.46 -3.82
C ASP A 40 12.69 5.92 -3.50
N GLY A 41 12.07 6.87 -4.20
CA GLY A 41 12.34 8.29 -4.00
C GLY A 41 11.50 9.12 -4.97
ZN ZN C . 3.05 2.68 4.95
N GLY A 1 -2.41 -9.73 11.50
CA GLY A 1 -1.48 -9.39 10.41
C GLY A 1 -1.51 -7.90 10.09
N PRO A 2 -0.69 -7.46 9.13
CA PRO A 2 -0.61 -6.08 8.70
C PRO A 2 -1.88 -5.68 7.94
N LEU A 3 -2.05 -4.38 7.72
CA LEU A 3 -3.20 -3.84 7.00
C LEU A 3 -3.17 -4.30 5.55
N GLY A 4 -4.34 -4.30 4.90
CA GLY A 4 -4.45 -4.72 3.51
C GLY A 4 -5.88 -4.60 3.00
N SER A 5 -6.05 -4.60 1.67
CA SER A 5 -7.36 -4.47 1.05
C SER A 5 -8.20 -5.72 1.24
N GLY A 6 -9.52 -5.55 1.34
CA GLY A 6 -10.46 -6.65 1.47
C GLY A 6 -10.87 -7.19 0.09
N GLN A 7 -10.29 -6.64 -0.98
CA GLN A 7 -10.63 -7.04 -2.34
C GLN A 7 -9.36 -7.24 -3.17
N GLN A 8 -8.37 -6.35 -2.97
CA GLN A 8 -7.10 -6.35 -3.67
C GLN A 8 -7.25 -6.21 -5.20
N ARG A 9 -6.22 -5.66 -5.85
CA ARG A 9 -6.16 -5.54 -7.30
C ARG A 9 -4.72 -5.73 -7.77
N ALA A 10 -4.55 -6.14 -9.04
CA ALA A 10 -3.23 -6.48 -9.57
C ALA A 10 -2.34 -5.23 -9.75
N GLY A 11 -2.86 -4.04 -9.43
CA GLY A 11 -2.10 -2.81 -9.55
C GLY A 11 -1.65 -2.31 -8.18
N ASP A 12 -2.10 -2.97 -7.10
CA ASP A 12 -1.80 -2.57 -5.74
C ASP A 12 -0.31 -2.67 -5.43
N TRP A 13 0.12 -2.03 -4.34
CA TRP A 13 1.51 -2.07 -3.93
C TRP A 13 1.62 -1.94 -2.42
N LYS A 14 2.51 -2.73 -1.81
CA LYS A 14 2.67 -2.76 -0.37
C LYS A 14 3.60 -1.65 0.09
N CYS A 15 3.31 -1.06 1.25
CA CYS A 15 4.13 -0.02 1.84
C CYS A 15 5.54 -0.57 2.14
N PRO A 16 6.59 0.15 1.74
CA PRO A 16 7.97 -0.28 1.94
C PRO A 16 8.39 -0.16 3.40
N ASN A 17 7.59 0.53 4.22
CA ASN A 17 7.88 0.70 5.63
C ASN A 17 7.63 -0.63 6.35
N PRO A 18 8.63 -1.17 7.07
CA PRO A 18 8.46 -2.40 7.82
C PRO A 18 7.49 -2.21 8.98
N THR A 19 7.25 -0.95 9.35
CA THR A 19 6.27 -0.60 10.37
C THR A 19 4.86 -0.35 9.83
N CYS A 20 4.70 -0.53 8.51
CA CYS A 20 3.43 -0.28 7.85
C CYS A 20 2.94 -1.55 7.14
N GLU A 21 3.65 -1.95 6.08
CA GLU A 21 3.32 -3.12 5.28
C GLU A 21 1.87 -3.10 4.77
N ASN A 22 1.23 -1.92 4.76
CA ASN A 22 -0.13 -1.78 4.27
C ASN A 22 -0.17 -1.93 2.76
N MET A 23 -1.15 -2.66 2.24
CA MET A 23 -1.36 -2.75 0.80
C MET A 23 -2.12 -1.53 0.32
N ASN A 24 -1.42 -0.63 -0.39
CA ASN A 24 -2.00 0.60 -0.89
C ASN A 24 -2.65 0.38 -2.25
N PHE A 25 -3.70 1.16 -2.55
CA PHE A 25 -4.39 1.09 -3.82
C PHE A 25 -3.48 1.47 -4.99
N SER A 26 -3.78 0.96 -6.17
CA SER A 26 -2.93 1.11 -7.35
C SER A 26 -2.77 2.57 -7.76
N TRP A 27 -3.74 3.42 -7.44
CA TRP A 27 -3.71 4.82 -7.85
C TRP A 27 -2.99 5.72 -6.85
N ARG A 28 -2.64 5.18 -5.66
CA ARG A 28 -1.88 5.94 -4.68
C ARG A 28 -0.40 5.99 -5.06
N ASN A 29 0.26 7.10 -4.74
CA ASN A 29 1.69 7.24 -4.95
C ASN A 29 2.43 7.28 -3.61
N GLU A 30 1.67 7.29 -2.51
CA GLU A 30 2.24 7.31 -1.16
C GLU A 30 1.38 6.43 -0.25
N CYS A 31 1.97 6.00 0.87
CA CYS A 31 1.31 5.11 1.80
C CYS A 31 0.10 5.81 2.43
N ASN A 32 -0.93 5.02 2.72
CA ASN A 32 -2.18 5.54 3.26
C ASN A 32 -2.10 5.61 4.79
N GLN A 33 -0.95 5.25 5.37
CA GLN A 33 -0.83 5.09 6.81
C GLN A 33 0.44 5.74 7.35
N CYS A 34 1.51 5.75 6.55
CA CYS A 34 2.79 6.33 6.95
C CYS A 34 3.35 7.26 5.87
N LYS A 35 2.59 7.48 4.80
CA LYS A 35 2.92 8.41 3.72
C LYS A 35 4.27 8.10 3.05
N ALA A 36 4.79 6.88 3.24
CA ALA A 36 6.01 6.45 2.55
C ALA A 36 5.74 6.36 1.05
N PRO A 37 6.70 6.76 0.21
CA PRO A 37 6.53 6.80 -1.24
C PRO A 37 6.45 5.38 -1.82
N LYS A 38 5.72 5.22 -2.92
CA LYS A 38 5.65 3.97 -3.66
C LYS A 38 7.00 3.68 -4.32
N PRO A 39 7.53 4.60 -5.14
CA PRO A 39 8.89 4.49 -5.66
C PRO A 39 9.91 4.63 -4.53
N ASP A 40 11.17 4.32 -4.83
CA ASP A 40 12.25 4.40 -3.84
C ASP A 40 12.61 5.84 -3.48
N GLY A 41 12.09 6.80 -4.25
CA GLY A 41 12.38 8.22 -4.03
C GLY A 41 13.80 8.56 -4.50
ZN ZN C . 2.99 2.65 4.96
N GLY A 1 -9.75 -4.24 10.05
CA GLY A 1 -9.11 -5.13 9.06
C GLY A 1 -10.16 -5.87 8.23
N PRO A 2 -9.97 -5.90 6.90
CA PRO A 2 -10.88 -6.57 5.98
C PRO A 2 -10.78 -8.09 6.16
N LEU A 3 -11.85 -8.79 5.81
CA LEU A 3 -11.89 -10.26 5.92
C LEU A 3 -11.14 -10.89 4.74
N GLY A 4 -10.51 -12.04 4.99
CA GLY A 4 -9.77 -12.75 3.96
C GLY A 4 -8.62 -11.91 3.42
N SER A 5 -8.14 -12.23 2.22
CA SER A 5 -7.09 -11.48 1.55
C SER A 5 -7.64 -10.16 1.01
N GLY A 6 -8.98 -10.01 1.00
CA GLY A 6 -9.63 -8.81 0.48
C GLY A 6 -9.55 -8.76 -1.05
N GLN A 7 -10.23 -7.78 -1.64
CA GLN A 7 -10.20 -7.58 -3.08
C GLN A 7 -8.82 -7.07 -3.51
N GLN A 8 -8.42 -7.40 -4.74
CA GLN A 8 -7.12 -7.03 -5.27
C GLN A 8 -7.25 -6.54 -6.71
N ARG A 9 -6.33 -5.68 -7.14
CA ARG A 9 -6.31 -5.16 -8.51
C ARG A 9 -4.87 -5.03 -8.99
N ALA A 10 -4.67 -5.13 -10.31
CA ALA A 10 -3.36 -5.02 -10.89
C ALA A 10 -2.79 -3.63 -10.61
N GLY A 11 -1.56 -3.59 -10.06
CA GLY A 11 -0.89 -2.34 -9.75
C GLY A 11 -0.92 -2.05 -8.25
N ASP A 12 -1.67 -2.86 -7.48
CA ASP A 12 -1.65 -2.76 -6.03
C ASP A 12 -0.24 -2.92 -5.48
N TRP A 13 0.04 -2.32 -4.31
CA TRP A 13 1.37 -2.36 -3.75
C TRP A 13 1.34 -2.22 -2.24
N LYS A 14 2.27 -2.91 -1.54
CA LYS A 14 2.34 -2.86 -0.10
C LYS A 14 3.35 -1.80 0.33
N CYS A 15 3.12 -1.18 1.50
CA CYS A 15 3.99 -0.16 2.03
C CYS A 15 5.40 -0.73 2.28
N PRO A 16 6.44 -0.06 1.80
CA PRO A 16 7.82 -0.50 1.95
C PRO A 16 8.33 -0.28 3.37
N ASN A 17 7.60 0.50 4.18
CA ASN A 17 7.99 0.77 5.56
C ASN A 17 7.79 -0.50 6.38
N PRO A 18 8.82 -0.99 7.08
CA PRO A 18 8.71 -2.17 7.92
C PRO A 18 7.82 -1.89 9.13
N THR A 19 7.60 -0.60 9.44
CA THR A 19 6.72 -0.19 10.52
C THR A 19 5.28 0.04 10.07
N CYS A 20 5.02 -0.19 8.77
CA CYS A 20 3.71 0.05 8.18
C CYS A 20 3.14 -1.24 7.60
N GLU A 21 3.76 -1.73 6.52
CA GLU A 21 3.32 -2.94 5.82
C GLU A 21 1.85 -2.90 5.41
N ASN A 22 1.23 -1.71 5.41
CA ASN A 22 -0.15 -1.55 5.01
C ASN A 22 -0.29 -1.81 3.51
N MET A 23 -1.41 -2.39 3.09
CA MET A 23 -1.65 -2.63 1.68
C MET A 23 -2.28 -1.38 1.06
N ASN A 24 -1.69 -0.88 -0.03
CA ASN A 24 -2.15 0.36 -0.66
C ASN A 24 -2.70 0.07 -2.05
N PHE A 25 -3.72 0.83 -2.43
CA PHE A 25 -4.37 0.68 -3.72
C PHE A 25 -3.51 1.14 -4.90
N SER A 26 -3.82 0.65 -6.10
CA SER A 26 -3.00 0.87 -7.28
C SER A 26 -2.91 2.35 -7.65
N TRP A 27 -3.96 3.12 -7.35
CA TRP A 27 -4.00 4.53 -7.71
C TRP A 27 -3.24 5.42 -6.72
N ARG A 28 -2.82 4.87 -5.58
CA ARG A 28 -2.02 5.61 -4.61
C ARG A 28 -0.56 5.64 -5.05
N ASN A 29 0.13 6.72 -4.71
CA ASN A 29 1.57 6.84 -4.94
C ASN A 29 2.32 6.96 -3.62
N GLU A 30 1.57 7.07 -2.51
CA GLU A 30 2.13 7.14 -1.17
C GLU A 30 1.32 6.24 -0.24
N CYS A 31 1.93 5.84 0.87
CA CYS A 31 1.30 4.98 1.85
C CYS A 31 0.08 5.68 2.45
N ASN A 32 -0.94 4.89 2.79
CA ASN A 32 -2.18 5.44 3.32
C ASN A 32 -2.09 5.60 4.84
N GLN A 33 -0.92 5.30 5.42
CA GLN A 33 -0.76 5.25 6.86
C GLN A 33 0.52 5.93 7.33
N CYS A 34 1.59 5.85 6.52
CA CYS A 34 2.88 6.45 6.88
C CYS A 34 3.42 7.34 5.77
N LYS A 35 2.63 7.55 4.70
CA LYS A 35 2.97 8.44 3.59
C LYS A 35 4.29 8.07 2.90
N ALA A 36 4.78 6.85 3.12
CA ALA A 36 5.99 6.39 2.46
C ALA A 36 5.72 6.27 0.95
N PRO A 37 6.67 6.63 0.09
CA PRO A 37 6.51 6.63 -1.34
C PRO A 37 6.43 5.20 -1.87
N LYS A 38 5.67 5.00 -2.95
CA LYS A 38 5.59 3.71 -3.63
C LYS A 38 6.92 3.38 -4.32
N PRO A 39 7.42 4.26 -5.22
CA PRO A 39 8.74 4.11 -5.81
C PRO A 39 9.82 4.37 -4.77
N ASP A 40 11.08 4.21 -5.20
CA ASP A 40 12.24 4.45 -4.34
C ASP A 40 12.55 5.94 -4.14
N GLY A 41 11.88 6.80 -4.90
CA GLY A 41 12.11 8.24 -4.84
C GLY A 41 11.31 8.87 -3.69
ZN ZN C . 3.07 2.72 5.09
N GLY A 1 -8.91 -5.11 9.52
CA GLY A 1 -8.72 -4.24 8.34
C GLY A 1 -10.04 -3.99 7.62
N PRO A 2 -10.02 -3.07 6.63
CA PRO A 2 -11.19 -2.73 5.84
C PRO A 2 -11.57 -3.88 4.92
N LEU A 3 -12.83 -3.89 4.46
CA LEU A 3 -13.32 -4.93 3.57
C LEU A 3 -12.67 -4.80 2.19
N GLY A 4 -12.08 -3.63 1.90
CA GLY A 4 -11.39 -3.41 0.63
C GLY A 4 -10.03 -4.09 0.62
N SER A 5 -9.55 -4.55 1.78
CA SER A 5 -8.26 -5.22 1.88
C SER A 5 -8.35 -6.66 1.34
N GLY A 6 -9.57 -7.17 1.18
CA GLY A 6 -9.79 -8.50 0.63
C GLY A 6 -9.80 -8.46 -0.90
N GLN A 7 -9.92 -7.27 -1.48
CA GLN A 7 -9.92 -7.09 -2.92
C GLN A 7 -8.48 -7.07 -3.45
N GLN A 8 -8.34 -7.18 -4.78
CA GLN A 8 -7.03 -7.12 -5.44
C GLN A 8 -7.20 -6.54 -6.84
N ARG A 9 -6.24 -5.69 -7.25
CA ARG A 9 -6.23 -5.10 -8.58
C ARG A 9 -4.79 -4.97 -9.08
N ALA A 10 -4.61 -5.01 -10.40
CA ALA A 10 -3.29 -4.89 -10.99
C ALA A 10 -2.72 -3.52 -10.67
N GLY A 11 -1.52 -3.49 -10.07
CA GLY A 11 -0.85 -2.26 -9.71
C GLY A 11 -0.87 -2.02 -8.20
N ASP A 12 -1.61 -2.84 -7.46
CA ASP A 12 -1.61 -2.79 -6.01
C ASP A 12 -0.20 -2.95 -5.44
N TRP A 13 0.08 -2.34 -4.29
CA TRP A 13 1.43 -2.35 -3.75
C TRP A 13 1.42 -2.20 -2.23
N LYS A 14 2.29 -2.96 -1.56
CA LYS A 14 2.39 -2.91 -0.11
C LYS A 14 3.38 -1.81 0.31
N CYS A 15 3.13 -1.21 1.47
CA CYS A 15 3.97 -0.16 2.01
C CYS A 15 5.39 -0.71 2.27
N PRO A 16 6.43 -0.03 1.79
CA PRO A 16 7.81 -0.47 1.94
C PRO A 16 8.31 -0.26 3.38
N ASN A 17 7.57 0.51 4.18
CA ASN A 17 7.95 0.78 5.56
C ASN A 17 7.73 -0.50 6.38
N PRO A 18 8.74 -1.00 7.09
CA PRO A 18 8.63 -2.18 7.91
C PRO A 18 7.74 -1.91 9.12
N THR A 19 7.53 -0.64 9.44
CA THR A 19 6.64 -0.22 10.51
C THR A 19 5.20 0.03 10.05
N CYS A 20 4.95 -0.18 8.76
CA CYS A 20 3.65 0.08 8.15
C CYS A 20 3.06 -1.21 7.57
N GLU A 21 3.69 -1.69 6.49
CA GLU A 21 3.26 -2.88 5.76
C GLU A 21 1.78 -2.82 5.34
N ASN A 22 1.17 -1.63 5.32
CA ASN A 22 -0.20 -1.48 4.87
C ASN A 22 -0.29 -1.80 3.39
N MET A 23 -1.36 -2.49 2.98
CA MET A 23 -1.56 -2.82 1.57
C MET A 23 -2.25 -1.66 0.87
N ASN A 24 -1.51 -0.90 0.07
CA ASN A 24 -2.03 0.31 -0.58
C ASN A 24 -2.64 -0.01 -1.94
N PHE A 25 -3.67 0.74 -2.32
CA PHE A 25 -4.34 0.59 -3.61
C PHE A 25 -3.47 1.05 -4.78
N SER A 26 -3.76 0.52 -5.97
CA SER A 26 -2.94 0.75 -7.16
C SER A 26 -2.88 2.22 -7.55
N TRP A 27 -3.93 2.98 -7.25
CA TRP A 27 -4.00 4.38 -7.67
C TRP A 27 -3.28 5.32 -6.70
N ARG A 28 -2.85 4.81 -5.54
CA ARG A 28 -2.07 5.61 -4.61
C ARG A 28 -0.61 5.65 -5.03
N ASN A 29 0.07 6.75 -4.71
CA ASN A 29 1.50 6.89 -4.95
C ASN A 29 2.26 7.00 -3.63
N GLU A 30 1.51 7.11 -2.52
CA GLU A 30 2.07 7.18 -1.18
C GLU A 30 1.26 6.30 -0.23
N CYS A 31 1.90 5.91 0.88
CA CYS A 31 1.27 5.05 1.88
C CYS A 31 0.09 5.78 2.52
N ASN A 32 -0.94 5.01 2.89
CA ASN A 32 -2.15 5.54 3.47
C ASN A 32 -1.99 5.75 4.98
N GLN A 33 -0.84 5.40 5.55
CA GLN A 33 -0.66 5.41 6.99
C GLN A 33 0.64 6.07 7.42
N CYS A 34 1.70 5.92 6.60
CA CYS A 34 3.00 6.48 6.90
C CYS A 34 3.51 7.37 5.76
N LYS A 35 2.69 7.54 4.71
CA LYS A 35 2.99 8.42 3.59
C LYS A 35 4.30 8.05 2.88
N ALA A 36 4.81 6.84 3.09
CA ALA A 36 6.00 6.38 2.39
C ALA A 36 5.69 6.26 0.89
N PRO A 37 6.64 6.65 0.03
CA PRO A 37 6.43 6.66 -1.41
C PRO A 37 6.36 5.23 -1.95
N LYS A 38 5.59 5.03 -3.02
CA LYS A 38 5.51 3.76 -3.70
C LYS A 38 6.85 3.44 -4.40
N PRO A 39 7.35 4.33 -5.29
CA PRO A 39 8.67 4.19 -5.87
C PRO A 39 9.75 4.38 -4.81
N ASP A 40 10.99 3.99 -5.14
CA ASP A 40 12.12 4.11 -4.25
C ASP A 40 12.53 5.58 -4.11
N GLY A 41 11.99 6.45 -4.97
CA GLY A 41 12.29 7.88 -4.95
C GLY A 41 11.49 8.61 -6.02
ZN ZN C . 3.06 2.75 5.07
N GLY A 1 -13.39 4.76 12.06
CA GLY A 1 -13.65 3.44 12.64
C GLY A 1 -13.31 2.34 11.64
N PRO A 2 -12.68 1.25 12.11
CA PRO A 2 -12.26 0.14 11.27
C PRO A 2 -13.46 -0.62 10.72
N LEU A 3 -13.25 -1.32 9.61
CA LEU A 3 -14.29 -2.10 8.95
C LEU A 3 -13.63 -3.21 8.13
N GLY A 4 -14.35 -4.32 7.91
CA GLY A 4 -13.83 -5.47 7.19
C GLY A 4 -13.77 -5.23 5.67
N SER A 5 -14.16 -4.03 5.23
CA SER A 5 -14.17 -3.69 3.81
C SER A 5 -12.75 -3.65 3.25
N GLY A 6 -12.59 -4.04 1.98
CA GLY A 6 -11.30 -4.04 1.32
C GLY A 6 -11.37 -4.79 -0.01
N GLN A 7 -10.42 -4.54 -0.89
CA GLN A 7 -10.35 -5.17 -2.21
C GLN A 7 -8.89 -5.36 -2.63
N GLN A 8 -8.69 -6.08 -3.75
CA GLN A 8 -7.36 -6.27 -4.31
C GLN A 8 -7.45 -6.24 -5.84
N ARG A 9 -6.49 -5.57 -6.49
CA ARG A 9 -6.49 -5.41 -7.94
C ARG A 9 -5.06 -5.37 -8.47
N ALA A 10 -4.89 -5.72 -9.75
CA ALA A 10 -3.58 -5.67 -10.38
C ALA A 10 -3.08 -4.22 -10.38
N GLY A 11 -1.83 -4.03 -9.95
CA GLY A 11 -1.22 -2.71 -9.87
C GLY A 11 -1.14 -2.24 -8.42
N ASP A 12 -1.83 -2.94 -7.51
CA ASP A 12 -1.70 -2.66 -6.08
C ASP A 12 -0.26 -2.80 -5.61
N TRP A 13 0.06 -2.20 -4.46
CA TRP A 13 1.41 -2.24 -3.94
C TRP A 13 1.42 -2.12 -2.43
N LYS A 14 2.40 -2.77 -1.77
CA LYS A 14 2.49 -2.78 -0.32
C LYS A 14 3.46 -1.71 0.15
N CYS A 15 3.19 -1.12 1.32
CA CYS A 15 4.05 -0.10 1.89
C CYS A 15 5.45 -0.66 2.17
N PRO A 16 6.50 0.03 1.70
CA PRO A 16 7.87 -0.39 1.86
C PRO A 16 8.36 -0.20 3.31
N ASN A 17 7.62 0.56 4.11
CA ASN A 17 8.00 0.82 5.49
C ASN A 17 7.80 -0.47 6.29
N PRO A 18 8.84 -0.96 6.98
CA PRO A 18 8.76 -2.15 7.79
C PRO A 18 7.87 -1.92 9.01
N THR A 19 7.63 -0.66 9.35
CA THR A 19 6.72 -0.28 10.44
C THR A 19 5.28 -0.08 9.98
N CYS A 20 5.03 -0.26 8.67
CA CYS A 20 3.72 -0.03 8.09
C CYS A 20 3.18 -1.31 7.48
N GLU A 21 3.81 -1.77 6.38
CA GLU A 21 3.40 -2.95 5.64
C GLU A 21 1.91 -2.91 5.23
N ASN A 22 1.29 -1.73 5.26
CA ASN A 22 -0.09 -1.57 4.83
C ASN A 22 -0.18 -1.79 3.32
N MET A 23 -1.30 -2.37 2.86
CA MET A 23 -1.52 -2.56 1.44
C MET A 23 -2.15 -1.28 0.87
N ASN A 24 -1.70 -0.87 -0.32
CA ASN A 24 -2.16 0.38 -0.93
C ASN A 24 -2.72 0.12 -2.32
N PHE A 25 -3.75 0.89 -2.69
CA PHE A 25 -4.39 0.77 -3.99
C PHE A 25 -3.47 1.24 -5.13
N SER A 26 -3.76 0.79 -6.35
CA SER A 26 -2.89 1.01 -7.50
C SER A 26 -2.72 2.49 -7.83
N TRP A 27 -3.75 3.30 -7.57
CA TRP A 27 -3.73 4.71 -7.91
C TRP A 27 -2.98 5.57 -6.89
N ARG A 28 -2.67 5.01 -5.72
CA ARG A 28 -1.91 5.73 -4.70
C ARG A 28 -0.44 5.79 -5.08
N ASN A 29 0.22 6.89 -4.73
CA ASN A 29 1.65 7.05 -4.91
C ASN A 29 2.36 7.10 -3.55
N GLU A 30 1.59 7.12 -2.46
CA GLU A 30 2.12 7.15 -1.12
C GLU A 30 1.28 6.27 -0.20
N CYS A 31 1.86 5.88 0.94
CA CYS A 31 1.20 5.01 1.90
C CYS A 31 0.00 5.73 2.51
N ASN A 32 -0.99 4.95 2.93
CA ASN A 32 -2.22 5.47 3.49
C ASN A 32 -2.10 5.57 5.02
N GLN A 33 -0.92 5.26 5.56
CA GLN A 33 -0.74 5.18 7.00
C GLN A 33 0.55 5.86 7.46
N CYS A 34 1.60 5.80 6.64
CA CYS A 34 2.89 6.38 6.98
C CYS A 34 3.40 7.32 5.87
N LYS A 35 2.59 7.52 4.82
CA LYS A 35 2.90 8.43 3.72
C LYS A 35 4.21 8.08 3.00
N ALA A 36 4.74 6.87 3.22
CA ALA A 36 5.94 6.43 2.53
C ALA A 36 5.64 6.30 1.03
N PRO A 37 6.58 6.69 0.16
CA PRO A 37 6.40 6.69 -1.27
C PRO A 37 6.34 5.26 -1.82
N LYS A 38 5.59 5.07 -2.91
CA LYS A 38 5.53 3.80 -3.61
C LYS A 38 6.89 3.47 -4.23
N PRO A 39 7.45 4.37 -5.08
CA PRO A 39 8.81 4.23 -5.58
C PRO A 39 9.82 4.41 -4.45
N ASP A 40 11.08 4.11 -4.72
CA ASP A 40 12.16 4.22 -3.74
C ASP A 40 12.48 5.67 -3.37
N GLY A 41 11.94 6.63 -4.14
CA GLY A 41 12.20 8.04 -3.91
C GLY A 41 13.62 8.41 -4.33
ZN ZN C . 3.03 2.68 5.04
N GLY A 1 3.12 -7.83 9.84
CA GLY A 1 1.76 -7.81 9.26
C GLY A 1 1.64 -8.81 8.12
N PRO A 2 0.45 -8.88 7.51
CA PRO A 2 0.16 -9.78 6.40
C PRO A 2 0.90 -9.33 5.14
N LEU A 3 0.97 -10.23 4.15
CA LEU A 3 1.66 -9.94 2.88
C LEU A 3 0.81 -9.01 2.01
N GLY A 4 -0.45 -8.77 2.39
CA GLY A 4 -1.33 -7.89 1.65
C GLY A 4 -2.74 -7.94 2.22
N SER A 5 -3.62 -7.07 1.71
CA SER A 5 -5.00 -6.99 2.15
C SER A 5 -5.86 -6.33 1.06
N GLY A 6 -7.18 -6.25 1.29
CA GLY A 6 -8.09 -5.66 0.33
C GLY A 6 -8.35 -6.60 -0.84
N GLN A 7 -8.87 -6.05 -1.95
CA GLN A 7 -9.22 -6.84 -3.13
C GLN A 7 -7.97 -7.25 -3.93
N GLN A 8 -6.79 -6.74 -3.55
CA GLN A 8 -5.52 -7.07 -4.19
C GLN A 8 -5.63 -6.98 -5.72
N ARG A 9 -5.96 -5.78 -6.23
CA ARG A 9 -6.15 -5.56 -7.65
C ARG A 9 -4.81 -5.40 -8.36
N ALA A 10 -4.82 -5.58 -9.69
CA ALA A 10 -3.60 -5.43 -10.47
C ALA A 10 -3.10 -3.99 -10.39
N GLY A 11 -1.86 -3.82 -9.97
CA GLY A 11 -1.23 -2.51 -9.86
C GLY A 11 -1.12 -2.07 -8.40
N ASP A 12 -1.77 -2.82 -7.49
CA ASP A 12 -1.65 -2.57 -6.06
C ASP A 12 -0.22 -2.75 -5.57
N TRP A 13 0.10 -2.17 -4.42
CA TRP A 13 1.45 -2.24 -3.89
C TRP A 13 1.45 -2.12 -2.36
N LYS A 14 2.36 -2.85 -1.71
CA LYS A 14 2.45 -2.84 -0.26
C LYS A 14 3.42 -1.76 0.21
N CYS A 15 3.16 -1.18 1.38
CA CYS A 15 4.02 -0.14 1.93
C CYS A 15 5.42 -0.71 2.21
N PRO A 16 6.48 -0.03 1.74
CA PRO A 16 7.86 -0.46 1.92
C PRO A 16 8.32 -0.28 3.36
N ASN A 17 7.59 0.50 4.16
CA ASN A 17 7.96 0.75 5.54
C ASN A 17 7.75 -0.54 6.35
N PRO A 18 8.78 -1.03 7.05
CA PRO A 18 8.65 -2.23 7.87
C PRO A 18 7.76 -1.96 9.08
N THR A 19 7.53 -0.69 9.41
CA THR A 19 6.63 -0.29 10.48
C THR A 19 5.20 -0.06 10.01
N CYS A 20 4.95 -0.26 8.71
CA CYS A 20 3.65 -0.03 8.10
C CYS A 20 3.10 -1.32 7.52
N GLU A 21 3.73 -1.80 6.44
CA GLU A 21 3.32 -3.00 5.72
C GLU A 21 1.84 -2.97 5.30
N ASN A 22 1.22 -1.78 5.31
CA ASN A 22 -0.15 -1.62 4.87
C ASN A 22 -0.24 -1.83 3.37
N MET A 23 -1.34 -2.41 2.88
CA MET A 23 -1.54 -2.58 1.45
C MET A 23 -2.15 -1.30 0.89
N ASN A 24 -1.61 -0.80 -0.22
CA ASN A 24 -2.08 0.45 -0.81
C ASN A 24 -2.64 0.20 -2.21
N PHE A 25 -3.67 0.97 -2.55
CA PHE A 25 -4.35 0.86 -3.84
C PHE A 25 -3.48 1.30 -5.01
N SER A 26 -3.78 0.79 -6.20
CA SER A 26 -2.96 1.00 -7.38
C SER A 26 -2.87 2.48 -7.78
N TRP A 27 -3.88 3.28 -7.42
CA TRP A 27 -3.91 4.68 -7.81
C TRP A 27 -3.17 5.59 -6.82
N ARG A 28 -2.75 5.04 -5.67
CA ARG A 28 -1.96 5.81 -4.71
C ARG A 28 -0.50 5.85 -5.13
N ASN A 29 0.20 6.91 -4.74
CA ASN A 29 1.64 7.03 -4.95
C ASN A 29 2.38 7.08 -3.62
N GLU A 30 1.62 7.12 -2.51
CA GLU A 30 2.17 7.14 -1.17
C GLU A 30 1.32 6.28 -0.25
N CYS A 31 1.90 5.85 0.87
CA CYS A 31 1.25 4.98 1.83
C CYS A 31 0.03 5.68 2.44
N ASN A 32 -0.97 4.88 2.78
CA ASN A 32 -2.23 5.40 3.31
C ASN A 32 -2.16 5.51 4.84
N GLN A 33 -0.99 5.21 5.41
CA GLN A 33 -0.84 5.11 6.87
C GLN A 33 0.43 5.79 7.35
N CYS A 34 1.50 5.76 6.55
CA CYS A 34 2.77 6.36 6.92
C CYS A 34 3.31 7.28 5.81
N LYS A 35 2.53 7.45 4.73
CA LYS A 35 2.86 8.35 3.63
C LYS A 35 4.20 8.04 2.97
N ALA A 36 4.73 6.82 3.18
CA ALA A 36 5.95 6.39 2.51
C ALA A 36 5.69 6.28 1.01
N PRO A 37 6.66 6.69 0.17
CA PRO A 37 6.50 6.71 -1.27
C PRO A 37 6.46 5.29 -1.84
N LYS A 38 5.71 5.10 -2.93
CA LYS A 38 5.66 3.83 -3.63
C LYS A 38 7.00 3.55 -4.33
N PRO A 39 7.51 4.45 -5.18
CA PRO A 39 8.84 4.33 -5.75
C PRO A 39 9.90 4.53 -4.67
N ASP A 40 11.14 4.14 -4.99
CA ASP A 40 12.26 4.27 -4.07
C ASP A 40 12.78 5.71 -3.96
N GLY A 41 12.23 6.62 -4.76
CA GLY A 41 12.62 8.02 -4.78
C GLY A 41 12.15 8.74 -3.52
ZN ZN C . 3.01 2.66 5.02
N GLY A 1 -10.52 -8.92 7.37
CA GLY A 1 -9.78 -7.65 7.37
C GLY A 1 -10.65 -6.51 7.88
N PRO A 2 -10.00 -5.42 8.35
CA PRO A 2 -10.68 -4.26 8.89
C PRO A 2 -11.35 -3.43 7.79
N LEU A 3 -11.03 -3.73 6.52
CA LEU A 3 -11.56 -2.99 5.39
C LEU A 3 -13.08 -3.14 5.29
N GLY A 4 -13.75 -2.15 4.70
CA GLY A 4 -15.19 -2.20 4.50
C GLY A 4 -15.55 -3.22 3.41
N SER A 5 -14.56 -3.60 2.59
CA SER A 5 -14.75 -4.61 1.55
C SER A 5 -13.39 -5.12 1.09
N GLY A 6 -13.32 -6.40 0.71
CA GLY A 6 -12.08 -7.00 0.21
C GLY A 6 -12.03 -6.90 -1.32
N GLN A 7 -10.87 -6.53 -1.86
CA GLN A 7 -10.69 -6.40 -3.30
C GLN A 7 -9.20 -6.41 -3.64
N GLN A 8 -8.86 -6.83 -4.86
CA GLN A 8 -7.49 -6.82 -5.35
C GLN A 8 -7.48 -6.33 -6.80
N ARG A 9 -6.45 -5.56 -7.17
CA ARG A 9 -6.33 -5.02 -8.53
C ARG A 9 -4.88 -4.99 -8.97
N ALA A 10 -4.65 -5.10 -10.28
CA ALA A 10 -3.31 -5.02 -10.82
C ALA A 10 -2.72 -3.65 -10.53
N GLY A 11 -1.52 -3.63 -9.95
CA GLY A 11 -0.83 -2.40 -9.60
C GLY A 11 -0.90 -2.11 -8.11
N ASP A 12 -1.66 -2.93 -7.36
CA ASP A 12 -1.66 -2.84 -5.90
C ASP A 12 -0.24 -2.98 -5.35
N TRP A 13 0.05 -2.32 -4.23
CA TRP A 13 1.41 -2.33 -3.70
C TRP A 13 1.40 -2.14 -2.19
N LYS A 14 2.30 -2.84 -1.49
CA LYS A 14 2.38 -2.76 -0.03
C LYS A 14 3.41 -1.71 0.36
N CYS A 15 3.16 -1.04 1.49
CA CYS A 15 4.06 -0.02 2.00
C CYS A 15 5.45 -0.62 2.27
N PRO A 16 6.51 0.05 1.79
CA PRO A 16 7.88 -0.41 1.96
C PRO A 16 8.37 -0.24 3.39
N ASN A 17 7.63 0.53 4.20
CA ASN A 17 7.99 0.76 5.60
C ASN A 17 7.76 -0.53 6.39
N PRO A 18 8.76 -1.06 7.08
CA PRO A 18 8.61 -2.25 7.90
C PRO A 18 7.70 -1.99 9.10
N THR A 19 7.49 -0.70 9.41
CA THR A 19 6.58 -0.30 10.48
C THR A 19 5.15 -0.05 9.98
N CYS A 20 4.91 -0.26 8.68
CA CYS A 20 3.64 0.00 8.06
C CYS A 20 3.06 -1.28 7.44
N GLU A 21 3.71 -1.76 6.38
CA GLU A 21 3.31 -2.97 5.66
C GLU A 21 1.83 -2.94 5.24
N ASN A 22 1.23 -1.74 5.16
CA ASN A 22 -0.15 -1.60 4.73
C ASN A 22 -0.27 -1.89 3.23
N MET A 23 -1.32 -2.62 2.84
CA MET A 23 -1.59 -2.91 1.44
C MET A 23 -2.27 -1.70 0.79
N ASN A 24 -1.51 -0.88 0.06
CA ASN A 24 -2.04 0.33 -0.54
C ASN A 24 -2.65 0.03 -1.91
N PHE A 25 -3.69 0.79 -2.26
CA PHE A 25 -4.35 0.67 -3.56
C PHE A 25 -3.47 1.11 -4.72
N SER A 26 -3.78 0.61 -5.93
CA SER A 26 -2.96 0.83 -7.11
C SER A 26 -2.87 2.30 -7.49
N TRP A 27 -3.93 3.08 -7.27
CA TRP A 27 -3.97 4.47 -7.67
C TRP A 27 -3.21 5.38 -6.71
N ARG A 28 -2.82 4.86 -5.53
CA ARG A 28 -2.03 5.63 -4.57
C ARG A 28 -0.57 5.66 -5.00
N ASN A 29 0.10 6.79 -4.76
CA ASN A 29 1.53 6.93 -5.01
C ASN A 29 2.29 7.04 -3.68
N GLU A 30 1.55 7.10 -2.57
CA GLU A 30 2.13 7.18 -1.24
C GLU A 30 1.31 6.32 -0.28
N CYS A 31 1.92 5.96 0.85
CA CYS A 31 1.30 5.08 1.83
C CYS A 31 0.08 5.76 2.45
N ASN A 32 -0.91 4.95 2.82
CA ASN A 32 -2.16 5.45 3.37
C ASN A 32 -2.04 5.59 4.89
N GLN A 33 -0.86 5.32 5.45
CA GLN A 33 -0.68 5.25 6.89
C GLN A 33 0.59 5.97 7.34
N CYS A 34 1.63 5.94 6.52
CA CYS A 34 2.91 6.56 6.85
C CYS A 34 3.45 7.44 5.73
N LYS A 35 2.66 7.65 4.67
CA LYS A 35 2.97 8.53 3.54
C LYS A 35 4.28 8.16 2.84
N ALA A 36 4.79 6.94 3.08
CA ALA A 36 5.99 6.47 2.39
C ALA A 36 5.69 6.33 0.89
N PRO A 37 6.63 6.70 0.02
CA PRO A 37 6.43 6.68 -1.42
C PRO A 37 6.36 5.24 -1.93
N LYS A 38 5.59 5.04 -3.01
CA LYS A 38 5.52 3.75 -3.69
C LYS A 38 6.86 3.43 -4.37
N PRO A 39 7.37 4.30 -5.25
CA PRO A 39 8.70 4.16 -5.81
C PRO A 39 9.76 4.37 -4.72
N ASP A 40 11.02 4.04 -5.05
CA ASP A 40 12.13 4.17 -4.12
C ASP A 40 12.53 5.64 -3.90
N GLY A 41 11.90 6.57 -4.63
CA GLY A 41 12.19 7.99 -4.53
C GLY A 41 11.32 8.79 -5.47
ZN ZN C . 3.11 2.78 5.04
N GLY A 1 -17.25 1.22 -2.13
CA GLY A 1 -17.64 0.00 -1.39
C GLY A 1 -16.97 -0.04 -0.03
N PRO A 2 -17.73 0.19 1.05
CA PRO A 2 -17.25 0.17 2.42
C PRO A 2 -16.59 -1.18 2.76
N LEU A 3 -15.63 -1.15 3.68
CA LEU A 3 -14.89 -2.33 4.11
C LEU A 3 -14.20 -3.03 2.93
N GLY A 4 -14.07 -2.32 1.80
CA GLY A 4 -13.42 -2.85 0.60
C GLY A 4 -11.90 -2.86 0.73
N SER A 5 -11.38 -2.48 1.90
CA SER A 5 -9.95 -2.41 2.14
C SER A 5 -9.31 -3.80 2.09
N GLY A 6 -10.12 -4.85 2.16
CA GLY A 6 -9.63 -6.23 2.10
C GLY A 6 -9.48 -6.73 0.67
N GLN A 7 -9.97 -5.95 -0.31
CA GLN A 7 -9.92 -6.33 -1.72
C GLN A 7 -8.50 -6.15 -2.26
N GLN A 8 -8.16 -6.87 -3.34
CA GLN A 8 -6.88 -6.73 -4.02
C GLN A 8 -7.12 -6.58 -5.52
N ARG A 9 -6.24 -5.82 -6.19
CA ARG A 9 -6.33 -5.58 -7.62
C ARG A 9 -4.93 -5.48 -8.23
N ALA A 10 -4.82 -5.79 -9.52
CA ALA A 10 -3.56 -5.69 -10.23
C ALA A 10 -3.08 -4.24 -10.22
N GLY A 11 -1.84 -4.03 -9.78
CA GLY A 11 -1.24 -2.70 -9.73
C GLY A 11 -1.14 -2.20 -8.30
N ASP A 12 -1.79 -2.90 -7.36
CA ASP A 12 -1.67 -2.58 -5.94
C ASP A 12 -0.24 -2.74 -5.46
N TRP A 13 0.09 -2.11 -4.33
CA TRP A 13 1.46 -2.15 -3.82
C TRP A 13 1.48 -1.99 -2.30
N LYS A 14 2.34 -2.76 -1.64
CA LYS A 14 2.44 -2.73 -0.19
C LYS A 14 3.45 -1.67 0.24
N CYS A 15 3.21 -1.03 1.40
CA CYS A 15 4.08 -0.01 1.93
C CYS A 15 5.47 -0.60 2.20
N PRO A 16 6.54 0.08 1.74
CA PRO A 16 7.91 -0.37 1.92
C PRO A 16 8.37 -0.22 3.36
N ASN A 17 7.63 0.53 4.18
CA ASN A 17 7.96 0.73 5.58
C ASN A 17 7.71 -0.58 6.32
N PRO A 18 8.71 -1.13 7.03
CA PRO A 18 8.55 -2.36 7.80
C PRO A 18 7.60 -2.14 8.98
N THR A 19 7.38 -0.87 9.35
CA THR A 19 6.44 -0.51 10.42
C THR A 19 5.03 -0.26 9.90
N CYS A 20 4.83 -0.41 8.59
CA CYS A 20 3.56 -0.14 7.93
C CYS A 20 3.01 -1.41 7.28
N GLU A 21 3.67 -1.86 6.22
CA GLU A 21 3.28 -3.05 5.46
C GLU A 21 1.81 -3.01 5.02
N ASN A 22 1.20 -1.82 4.97
CA ASN A 22 -0.18 -1.66 4.54
C ASN A 22 -0.29 -1.90 3.04
N MET A 23 -1.36 -2.57 2.61
CA MET A 23 -1.60 -2.80 1.19
C MET A 23 -2.28 -1.57 0.58
N ASN A 24 -1.50 -0.73 -0.09
CA ASN A 24 -2.01 0.50 -0.68
C ASN A 24 -2.60 0.23 -2.07
N PHE A 25 -3.62 1.00 -2.43
CA PHE A 25 -4.29 0.86 -3.72
C PHE A 25 -3.41 1.29 -4.89
N SER A 26 -3.71 0.76 -6.08
CA SER A 26 -2.88 0.95 -7.26
C SER A 26 -2.77 2.42 -7.68
N TRP A 27 -3.78 3.23 -7.34
CA TRP A 27 -3.81 4.62 -7.76
C TRP A 27 -3.08 5.55 -6.79
N ARG A 28 -2.68 5.03 -5.62
CA ARG A 28 -1.91 5.82 -4.65
C ARG A 28 -0.44 5.85 -5.06
N ASN A 29 0.23 6.97 -4.77
CA ASN A 29 1.67 7.10 -4.97
C ASN A 29 2.40 7.20 -3.63
N GLU A 30 1.64 7.25 -2.54
CA GLU A 30 2.18 7.31 -1.19
C GLU A 30 1.35 6.43 -0.26
N CYS A 31 1.93 6.02 0.87
CA CYS A 31 1.30 5.11 1.80
C CYS A 31 0.06 5.77 2.43
N ASN A 32 -0.92 4.94 2.78
CA ASN A 32 -2.18 5.43 3.32
C ASN A 32 -2.12 5.45 4.85
N GLN A 33 -0.94 5.20 5.41
CA GLN A 33 -0.79 5.08 6.86
C GLN A 33 0.46 5.80 7.36
N CYS A 34 1.52 5.81 6.55
CA CYS A 34 2.79 6.43 6.92
C CYS A 34 3.32 7.35 5.81
N LYS A 35 2.53 7.53 4.74
CA LYS A 35 2.85 8.45 3.64
C LYS A 35 4.20 8.14 2.98
N ALA A 36 4.74 6.93 3.18
CA ALA A 36 5.97 6.52 2.51
C ALA A 36 5.71 6.41 1.01
N PRO A 37 6.67 6.81 0.16
CA PRO A 37 6.51 6.80 -1.28
C PRO A 37 6.47 5.39 -1.84
N LYS A 38 5.71 5.19 -2.92
CA LYS A 38 5.65 3.91 -3.61
C LYS A 38 7.00 3.61 -4.28
N PRO A 39 7.52 4.48 -5.16
CA PRO A 39 8.85 4.34 -5.72
C PRO A 39 9.91 4.55 -4.64
N ASP A 40 11.15 4.17 -4.95
CA ASP A 40 12.26 4.30 -4.04
C ASP A 40 12.79 5.74 -3.95
N GLY A 41 12.23 6.64 -4.76
CA GLY A 41 12.64 8.05 -4.79
C GLY A 41 12.11 8.80 -3.58
ZN ZN C . 3.07 2.72 4.98
N GLY A 1 2.68 -8.58 7.34
CA GLY A 1 1.99 -8.56 6.04
C GLY A 1 0.77 -7.64 6.08
N PRO A 2 0.25 -7.27 4.91
CA PRO A 2 -0.92 -6.41 4.78
C PRO A 2 -2.18 -7.12 5.27
N LEU A 3 -3.22 -6.34 5.58
CA LEU A 3 -4.49 -6.90 6.00
C LEU A 3 -5.23 -7.53 4.83
N GLY A 4 -6.05 -8.54 5.11
CA GLY A 4 -6.85 -9.21 4.10
C GLY A 4 -8.16 -8.44 3.84
N SER A 5 -8.42 -7.42 4.67
CA SER A 5 -9.63 -6.61 4.55
C SER A 5 -9.51 -5.64 3.36
N GLY A 6 -10.64 -5.09 2.93
CA GLY A 6 -10.69 -4.15 1.82
C GLY A 6 -10.55 -4.85 0.48
N GLN A 7 -10.65 -4.08 -0.61
CA GLN A 7 -10.52 -4.61 -1.96
C GLN A 7 -9.05 -4.90 -2.30
N GLN A 8 -8.83 -5.62 -3.39
CA GLN A 8 -7.47 -5.92 -3.85
C GLN A 8 -7.45 -6.01 -5.38
N ARG A 9 -6.38 -5.48 -6.00
CA ARG A 9 -6.20 -5.48 -7.44
C ARG A 9 -4.73 -5.71 -7.79
N ALA A 10 -4.46 -6.20 -8.99
CA ALA A 10 -3.11 -6.56 -9.42
C ALA A 10 -2.23 -5.32 -9.63
N GLY A 11 -2.79 -4.12 -9.48
CA GLY A 11 -2.05 -2.88 -9.63
C GLY A 11 -1.63 -2.32 -8.27
N ASP A 12 -2.14 -2.93 -7.20
CA ASP A 12 -1.85 -2.49 -5.83
C ASP A 12 -0.39 -2.66 -5.46
N TRP A 13 0.03 -2.05 -4.36
CA TRP A 13 1.41 -2.12 -3.92
C TRP A 13 1.50 -2.03 -2.39
N LYS A 14 2.41 -2.79 -1.80
CA LYS A 14 2.58 -2.81 -0.35
C LYS A 14 3.53 -1.69 0.09
N CYS A 15 3.26 -1.10 1.26
CA CYS A 15 4.10 -0.07 1.83
C CYS A 15 5.50 -0.62 2.10
N PRO A 16 6.56 0.09 1.66
CA PRO A 16 7.93 -0.33 1.84
C PRO A 16 8.39 -0.19 3.29
N ASN A 17 7.62 0.53 4.12
CA ASN A 17 7.96 0.72 5.52
C ASN A 17 7.75 -0.60 6.27
N PRO A 18 8.77 -1.12 6.97
CA PRO A 18 8.65 -2.34 7.75
C PRO A 18 7.72 -2.14 8.93
N THR A 19 7.45 -0.87 9.29
CA THR A 19 6.52 -0.53 10.36
C THR A 19 5.10 -0.31 9.85
N CYS A 20 4.88 -0.47 8.54
CA CYS A 20 3.59 -0.23 7.91
C CYS A 20 3.08 -1.50 7.24
N GLU A 21 3.76 -1.93 6.17
CA GLU A 21 3.39 -3.10 5.39
C GLU A 21 1.93 -3.08 4.92
N ASN A 22 1.27 -1.93 4.98
CA ASN A 22 -0.10 -1.80 4.51
C ASN A 22 -0.15 -1.88 2.99
N MET A 23 -1.19 -2.52 2.44
CA MET A 23 -1.40 -2.54 1.01
C MET A 23 -2.13 -1.29 0.56
N ASN A 24 -1.67 -0.70 -0.54
CA ASN A 24 -2.17 0.58 -1.03
C ASN A 24 -2.77 0.41 -2.42
N PHE A 25 -3.81 1.18 -2.74
CA PHE A 25 -4.44 1.13 -4.05
C PHE A 25 -3.47 1.55 -5.17
N SER A 26 -3.72 1.05 -6.38
CA SER A 26 -2.80 1.20 -7.51
C SER A 26 -2.60 2.67 -7.88
N TRP A 27 -3.59 3.52 -7.60
CA TRP A 27 -3.52 4.93 -7.97
C TRP A 27 -2.83 5.78 -6.93
N ARG A 28 -2.57 5.24 -5.73
CA ARG A 28 -1.86 5.96 -4.70
C ARG A 28 -0.37 6.01 -5.03
N ASN A 29 0.28 7.14 -4.70
CA ASN A 29 1.72 7.29 -4.87
C ASN A 29 2.42 7.28 -3.50
N GLU A 30 1.63 7.28 -2.43
CA GLU A 30 2.16 7.26 -1.07
C GLU A 30 1.30 6.35 -0.18
N CYS A 31 1.88 5.91 0.93
CA CYS A 31 1.22 5.00 1.85
C CYS A 31 0.01 5.67 2.49
N ASN A 32 -1.03 4.88 2.75
CA ASN A 32 -2.28 5.37 3.30
C ASN A 32 -2.17 5.55 4.81
N GLN A 33 -1.02 5.24 5.41
CA GLN A 33 -0.89 5.24 6.86
C GLN A 33 0.38 5.93 7.33
N CYS A 34 1.49 5.69 6.62
CA CYS A 34 2.78 6.28 6.98
C CYS A 34 3.29 7.22 5.89
N LYS A 35 2.51 7.39 4.82
CA LYS A 35 2.80 8.32 3.73
C LYS A 35 4.16 8.05 3.07
N ALA A 36 4.71 6.84 3.25
CA ALA A 36 5.93 6.46 2.58
C ALA A 36 5.67 6.36 1.06
N PRO A 37 6.63 6.76 0.23
CA PRO A 37 6.48 6.79 -1.21
C PRO A 37 6.41 5.38 -1.77
N LYS A 38 5.67 5.20 -2.87
CA LYS A 38 5.61 3.93 -3.59
C LYS A 38 6.97 3.63 -4.24
N PRO A 39 7.51 4.53 -5.07
CA PRO A 39 8.85 4.40 -5.61
C PRO A 39 9.89 4.57 -4.49
N ASP A 40 11.14 4.24 -4.79
CA ASP A 40 12.24 4.32 -3.84
C ASP A 40 12.62 5.77 -3.49
N GLY A 41 12.00 6.75 -4.16
CA GLY A 41 12.27 8.16 -3.93
C GLY A 41 11.39 9.02 -4.83
ZN ZN C . 3.00 2.61 4.95
N GLY A 1 0.34 -0.28 9.58
CA GLY A 1 0.12 -1.15 10.74
C GLY A 1 -0.28 -2.55 10.32
N PRO A 2 -1.59 -2.82 10.20
CA PRO A 2 -2.12 -4.09 9.74
C PRO A 2 -1.84 -4.28 8.26
N LEU A 3 -1.96 -5.53 7.78
CA LEU A 3 -1.74 -5.84 6.37
C LEU A 3 -2.91 -5.35 5.51
N GLY A 4 -3.97 -4.84 6.14
CA GLY A 4 -5.13 -4.33 5.45
C GLY A 4 -6.10 -5.45 5.08
N SER A 5 -7.17 -5.08 4.37
CA SER A 5 -8.21 -6.02 3.95
C SER A 5 -7.66 -6.98 2.89
N GLY A 6 -8.37 -8.10 2.68
CA GLY A 6 -7.98 -9.09 1.69
C GLY A 6 -8.27 -8.60 0.26
N GLN A 7 -8.93 -7.46 0.12
CA GLN A 7 -9.20 -6.86 -1.17
C GLN A 7 -7.88 -6.54 -1.87
N GLN A 8 -7.73 -6.99 -3.12
CA GLN A 8 -6.50 -6.79 -3.88
C GLN A 8 -6.80 -6.77 -5.38
N ARG A 9 -6.05 -5.94 -6.12
CA ARG A 9 -6.20 -5.79 -7.55
C ARG A 9 -4.83 -5.58 -8.21
N ALA A 10 -4.74 -5.88 -9.50
CA ALA A 10 -3.49 -5.73 -10.22
C ALA A 10 -3.04 -4.27 -10.22
N GLY A 11 -1.79 -4.03 -9.82
CA GLY A 11 -1.21 -2.70 -9.78
C GLY A 11 -1.10 -2.20 -8.33
N ASP A 12 -1.74 -2.90 -7.39
CA ASP A 12 -1.60 -2.58 -5.98
C ASP A 12 -0.16 -2.72 -5.50
N TRP A 13 0.15 -2.11 -4.34
CA TRP A 13 1.49 -2.15 -3.81
C TRP A 13 1.47 -2.01 -2.29
N LYS A 14 2.30 -2.81 -1.62
CA LYS A 14 2.39 -2.78 -0.16
C LYS A 14 3.40 -1.72 0.27
N CYS A 15 3.15 -1.07 1.40
CA CYS A 15 4.05 -0.06 1.93
C CYS A 15 5.44 -0.65 2.19
N PRO A 16 6.50 0.02 1.72
CA PRO A 16 7.87 -0.43 1.90
C PRO A 16 8.33 -0.28 3.34
N ASN A 17 7.59 0.49 4.15
CA ASN A 17 7.94 0.69 5.54
C ASN A 17 7.69 -0.61 6.30
N PRO A 18 8.69 -1.15 7.02
CA PRO A 18 8.54 -2.37 7.79
C PRO A 18 7.59 -2.14 8.98
N THR A 19 7.35 -0.88 9.33
CA THR A 19 6.42 -0.51 10.38
C THR A 19 5.00 -0.28 9.87
N CYS A 20 4.81 -0.38 8.55
CA CYS A 20 3.53 -0.10 7.92
C CYS A 20 2.95 -1.36 7.29
N GLU A 21 3.60 -1.85 6.23
CA GLU A 21 3.20 -3.05 5.50
C GLU A 21 1.73 -3.02 5.06
N ASN A 22 1.12 -1.82 4.99
CA ASN A 22 -0.26 -1.69 4.54
C ASN A 22 -0.35 -1.93 3.03
N MET A 23 -1.44 -2.57 2.59
CA MET A 23 -1.69 -2.77 1.17
C MET A 23 -2.33 -1.52 0.58
N ASN A 24 -1.52 -0.69 -0.10
CA ASN A 24 -2.01 0.54 -0.71
C ASN A 24 -2.58 0.26 -2.09
N PHE A 25 -3.60 1.02 -2.48
CA PHE A 25 -4.26 0.86 -3.76
C PHE A 25 -3.40 1.29 -4.95
N SER A 26 -3.72 0.79 -6.14
CA SER A 26 -2.91 1.00 -7.34
C SER A 26 -2.84 2.47 -7.72
N TRP A 27 -3.86 3.26 -7.38
CA TRP A 27 -3.90 4.67 -7.76
C TRP A 27 -3.17 5.57 -6.77
N ARG A 28 -2.74 5.03 -5.62
CA ARG A 28 -1.95 5.80 -4.66
C ARG A 28 -0.49 5.85 -5.09
N ASN A 29 0.21 6.92 -4.72
CA ASN A 29 1.64 7.06 -4.94
C ASN A 29 2.37 7.17 -3.61
N GLU A 30 1.62 7.29 -2.51
CA GLU A 30 2.16 7.35 -1.16
C GLU A 30 1.34 6.45 -0.23
N CYS A 31 1.94 6.05 0.88
CA CYS A 31 1.32 5.14 1.82
C CYS A 31 0.10 5.82 2.48
N ASN A 32 -0.90 5.02 2.80
CA ASN A 32 -2.14 5.51 3.38
C ASN A 32 -2.01 5.64 4.90
N GLN A 33 -0.87 5.27 5.47
CA GLN A 33 -0.73 5.19 6.92
C GLN A 33 0.56 5.84 7.41
N CYS A 34 1.62 5.81 6.60
CA CYS A 34 2.91 6.39 6.96
C CYS A 34 3.43 7.32 5.87
N LYS A 35 2.64 7.51 4.81
CA LYS A 35 2.93 8.44 3.71
C LYS A 35 4.26 8.14 3.02
N ALA A 36 4.80 6.93 3.20
CA ALA A 36 6.01 6.51 2.51
C ALA A 36 5.72 6.41 1.01
N PRO A 37 6.67 6.81 0.16
CA PRO A 37 6.49 6.81 -1.29
C PRO A 37 6.44 5.38 -1.83
N LYS A 38 5.69 5.20 -2.92
CA LYS A 38 5.64 3.92 -3.62
C LYS A 38 6.99 3.61 -4.29
N PRO A 39 7.49 4.50 -5.16
CA PRO A 39 8.82 4.37 -5.73
C PRO A 39 9.89 4.59 -4.66
N ASP A 40 11.13 4.20 -4.97
CA ASP A 40 12.26 4.35 -4.06
C ASP A 40 12.71 5.82 -4.03
N GLY A 41 12.21 6.63 -4.98
CA GLY A 41 12.55 8.04 -5.06
C GLY A 41 11.83 8.84 -3.99
ZN ZN C . 3.07 2.73 4.97
N GLY A 1 -10.24 -13.63 6.20
CA GLY A 1 -10.98 -12.75 7.14
C GLY A 1 -11.49 -11.51 6.42
N PRO A 2 -12.51 -10.84 7.00
CA PRO A 2 -13.11 -9.65 6.44
C PRO A 2 -12.18 -8.44 6.57
N LEU A 3 -11.12 -8.55 7.37
CA LEU A 3 -10.17 -7.47 7.59
C LEU A 3 -9.40 -7.17 6.29
N GLY A 4 -8.97 -5.92 6.13
CA GLY A 4 -8.24 -5.49 4.94
C GLY A 4 -9.19 -5.15 3.81
N SER A 5 -8.64 -4.86 2.63
CA SER A 5 -9.44 -4.52 1.45
C SER A 5 -10.22 -5.73 0.97
N GLY A 6 -11.41 -5.49 0.43
CA GLY A 6 -12.30 -6.55 -0.04
C GLY A 6 -12.03 -6.92 -1.51
N GLN A 7 -11.02 -6.29 -2.14
CA GLN A 7 -10.72 -6.50 -3.54
C GLN A 7 -9.22 -6.49 -3.78
N GLN A 8 -8.81 -6.93 -4.97
CA GLN A 8 -7.42 -6.90 -5.40
C GLN A 8 -7.37 -6.48 -6.86
N ARG A 9 -6.40 -5.65 -7.23
CA ARG A 9 -6.31 -5.12 -8.59
C ARG A 9 -4.86 -5.01 -9.04
N ALA A 10 -4.63 -5.10 -10.36
CA ALA A 10 -3.30 -4.98 -10.90
C ALA A 10 -2.74 -3.59 -10.60
N GLY A 11 -1.52 -3.56 -10.05
CA GLY A 11 -0.86 -2.31 -9.71
C GLY A 11 -0.92 -2.06 -8.21
N ASP A 12 -1.67 -2.88 -7.46
CA ASP A 12 -1.66 -2.82 -6.01
C ASP A 12 -0.23 -2.97 -5.46
N TRP A 13 0.04 -2.35 -4.30
CA TRP A 13 1.39 -2.39 -3.75
C TRP A 13 1.36 -2.23 -2.23
N LYS A 14 2.29 -2.91 -1.55
CA LYS A 14 2.37 -2.87 -0.10
C LYS A 14 3.36 -1.80 0.33
N CYS A 15 3.12 -1.19 1.50
CA CYS A 15 3.99 -0.16 2.03
C CYS A 15 5.39 -0.73 2.29
N PRO A 16 6.45 -0.05 1.80
CA PRO A 16 7.82 -0.48 1.95
C PRO A 16 8.32 -0.27 3.37
N ASN A 17 7.60 0.50 4.18
CA ASN A 17 8.00 0.78 5.56
C ASN A 17 7.81 -0.50 6.38
N PRO A 18 8.85 -0.98 7.06
CA PRO A 18 8.76 -2.15 7.93
C PRO A 18 7.88 -1.84 9.15
N THR A 19 7.67 -0.54 9.43
CA THR A 19 6.80 -0.10 10.50
C THR A 19 5.36 0.15 10.05
N CYS A 20 5.04 -0.19 8.79
CA CYS A 20 3.73 0.05 8.20
C CYS A 20 3.16 -1.25 7.64
N GLU A 21 3.77 -1.74 6.56
CA GLU A 21 3.35 -2.95 5.85
C GLU A 21 1.87 -2.90 5.45
N ASN A 22 1.26 -1.72 5.47
CA ASN A 22 -0.14 -1.56 5.05
C ASN A 22 -0.25 -1.81 3.55
N MET A 23 -1.36 -2.39 3.11
CA MET A 23 -1.59 -2.61 1.69
C MET A 23 -2.20 -1.34 1.09
N ASN A 24 -1.67 -0.89 -0.05
CA ASN A 24 -2.10 0.35 -0.68
C ASN A 24 -2.65 0.09 -2.07
N PHE A 25 -3.67 0.86 -2.46
CA PHE A 25 -4.33 0.72 -3.75
C PHE A 25 -3.47 1.17 -4.92
N SER A 26 -3.80 0.68 -6.13
CA SER A 26 -2.99 0.91 -7.32
C SER A 26 -2.91 2.39 -7.68
N TRP A 27 -3.96 3.16 -7.38
CA TRP A 27 -4.00 4.58 -7.73
C TRP A 27 -3.25 5.47 -6.74
N ARG A 28 -2.83 4.91 -5.60
CA ARG A 28 -2.04 5.66 -4.63
C ARG A 28 -0.58 5.72 -5.06
N ASN A 29 0.11 6.81 -4.71
CA ASN A 29 1.54 6.95 -4.95
C ASN A 29 2.28 7.02 -3.61
N GLU A 30 1.53 7.04 -2.50
CA GLU A 30 2.09 7.07 -1.16
C GLU A 30 1.28 6.19 -0.23
N CYS A 31 1.89 5.80 0.90
CA CYS A 31 1.24 4.94 1.86
C CYS A 31 0.05 5.64 2.48
N ASN A 32 -0.97 4.88 2.85
CA ASN A 32 -2.21 5.41 3.39
C ASN A 32 -2.10 5.57 4.91
N GLN A 33 -0.91 5.30 5.47
CA GLN A 33 -0.74 5.26 6.92
C GLN A 33 0.55 5.95 7.36
N CYS A 34 1.59 5.90 6.52
CA CYS A 34 2.87 6.50 6.84
C CYS A 34 3.39 7.38 5.69
N LYS A 35 2.59 7.51 4.62
CA LYS A 35 2.92 8.36 3.48
C LYS A 35 4.25 8.00 2.83
N ALA A 36 4.77 6.79 3.07
CA ALA A 36 5.98 6.33 2.41
C ALA A 36 5.69 6.20 0.91
N PRO A 37 6.63 6.59 0.05
CA PRO A 37 6.44 6.59 -1.39
C PRO A 37 6.37 5.17 -1.92
N LYS A 38 5.59 4.97 -3.00
CA LYS A 38 5.52 3.69 -3.69
C LYS A 38 6.85 3.38 -4.37
N PRO A 39 7.36 4.27 -5.25
CA PRO A 39 8.69 4.16 -5.81
C PRO A 39 9.76 4.35 -4.73
N ASP A 40 11.01 4.08 -5.08
CA ASP A 40 12.15 4.23 -4.18
C ASP A 40 12.50 5.69 -3.88
N GLY A 41 11.81 6.63 -4.54
CA GLY A 41 12.05 8.05 -4.36
C GLY A 41 11.10 8.87 -5.21
ZN ZN C . 3.05 2.70 5.09
N GLY A 1 -9.36 -20.10 -7.44
CA GLY A 1 -10.12 -19.95 -6.19
C GLY A 1 -10.84 -18.61 -6.12
N PRO A 2 -11.70 -18.42 -5.11
CA PRO A 2 -12.46 -17.20 -4.92
C PRO A 2 -11.55 -16.05 -4.50
N LEU A 3 -12.05 -14.82 -4.63
CA LEU A 3 -11.30 -13.63 -4.27
C LEU A 3 -11.11 -13.54 -2.75
N GLY A 4 -11.99 -14.19 -1.99
CA GLY A 4 -11.93 -14.17 -0.53
C GLY A 4 -12.29 -12.78 0.01
N SER A 5 -11.97 -12.54 1.27
CA SER A 5 -12.22 -11.25 1.91
C SER A 5 -11.31 -10.17 1.32
N GLY A 6 -11.73 -8.91 1.41
CA GLY A 6 -10.95 -7.80 0.87
C GLY A 6 -11.03 -7.77 -0.65
N GLN A 7 -10.05 -7.13 -1.28
CA GLN A 7 -9.99 -7.02 -2.74
C GLN A 7 -8.54 -6.87 -3.20
N GLN A 8 -8.29 -7.15 -4.49
CA GLN A 8 -6.97 -7.04 -5.07
C GLN A 8 -7.07 -6.77 -6.57
N ARG A 9 -6.17 -5.94 -7.09
CA ARG A 9 -6.14 -5.60 -8.51
C ARG A 9 -4.69 -5.42 -8.98
N ALA A 10 -4.46 -5.61 -10.29
CA ALA A 10 -3.14 -5.45 -10.84
C ALA A 10 -2.68 -4.00 -10.68
N GLY A 11 -1.50 -3.83 -10.07
CA GLY A 11 -0.93 -2.50 -9.83
C GLY A 11 -0.99 -2.14 -8.36
N ASP A 12 -1.67 -2.94 -7.53
CA ASP A 12 -1.66 -2.77 -6.09
C ASP A 12 -0.25 -2.89 -5.52
N TRP A 13 0.00 -2.28 -4.37
CA TRP A 13 1.34 -2.31 -3.79
C TRP A 13 1.28 -2.18 -2.26
N LYS A 14 2.19 -2.88 -1.58
CA LYS A 14 2.26 -2.83 -0.13
C LYS A 14 3.27 -1.76 0.31
N CYS A 15 3.04 -1.15 1.47
CA CYS A 15 3.93 -0.13 2.00
C CYS A 15 5.32 -0.72 2.23
N PRO A 16 6.37 -0.05 1.74
CA PRO A 16 7.75 -0.51 1.87
C PRO A 16 8.27 -0.32 3.29
N ASN A 17 7.57 0.47 4.12
CA ASN A 17 7.99 0.73 5.49
C ASN A 17 7.78 -0.54 6.31
N PRO A 18 8.81 -1.05 7.00
CA PRO A 18 8.71 -2.23 7.84
C PRO A 18 7.84 -1.94 9.06
N THR A 19 7.65 -0.65 9.38
CA THR A 19 6.78 -0.22 10.48
C THR A 19 5.34 0.00 10.03
N CYS A 20 5.06 -0.22 8.74
CA CYS A 20 3.75 0.03 8.16
C CYS A 20 3.17 -1.27 7.59
N GLU A 21 3.74 -1.73 6.47
CA GLU A 21 3.28 -2.93 5.76
C GLU A 21 1.78 -2.86 5.41
N ASN A 22 1.18 -1.67 5.42
CA ASN A 22 -0.21 -1.50 5.02
C ASN A 22 -0.35 -1.75 3.52
N MET A 23 -1.52 -2.25 3.09
CA MET A 23 -1.75 -2.50 1.67
C MET A 23 -2.38 -1.27 1.02
N ASN A 24 -1.77 -0.79 -0.07
CA ASN A 24 -2.21 0.44 -0.73
C ASN A 24 -2.73 0.13 -2.13
N PHE A 25 -3.75 0.90 -2.55
CA PHE A 25 -4.33 0.76 -3.87
C PHE A 25 -3.42 1.25 -5.00
N SER A 26 -3.68 0.78 -6.22
CA SER A 26 -2.82 1.05 -7.36
C SER A 26 -2.77 2.55 -7.69
N TRP A 27 -3.87 3.28 -7.42
CA TRP A 27 -3.93 4.69 -7.75
C TRP A 27 -3.21 5.57 -6.73
N ARG A 28 -2.83 5.01 -5.58
CA ARG A 28 -2.04 5.74 -4.59
C ARG A 28 -0.58 5.79 -5.01
N ASN A 29 0.10 6.88 -4.66
CA ASN A 29 1.54 7.02 -4.89
C ASN A 29 2.28 7.07 -3.56
N GLU A 30 1.54 7.11 -2.45
CA GLU A 30 2.11 7.15 -1.11
C GLU A 30 1.28 6.29 -0.16
N CYS A 31 1.89 5.87 0.96
CA CYS A 31 1.25 5.03 1.94
C CYS A 31 0.06 5.74 2.59
N ASN A 32 -0.92 4.96 3.03
CA ASN A 32 -2.14 5.48 3.61
C ASN A 32 -1.99 5.62 5.13
N GLN A 33 -0.80 5.32 5.66
CA GLN A 33 -0.58 5.26 7.10
C GLN A 33 0.71 5.96 7.51
N CYS A 34 1.74 5.91 6.64
CA CYS A 34 3.04 6.50 6.93
C CYS A 34 3.53 7.38 5.78
N LYS A 35 2.70 7.55 4.74
CA LYS A 35 2.98 8.40 3.59
C LYS A 35 4.29 8.05 2.89
N ALA A 36 4.81 6.84 3.11
CA ALA A 36 6.00 6.38 2.42
C ALA A 36 5.70 6.26 0.93
N PRO A 37 6.64 6.65 0.05
CA PRO A 37 6.42 6.65 -1.37
C PRO A 37 6.36 5.23 -1.92
N LYS A 38 5.56 5.02 -2.98
CA LYS A 38 5.47 3.75 -3.66
C LYS A 38 6.81 3.43 -4.35
N PRO A 39 7.32 4.30 -5.23
CA PRO A 39 8.64 4.17 -5.81
C PRO A 39 9.72 4.39 -4.74
N ASP A 40 10.96 4.05 -5.09
CA ASP A 40 12.09 4.21 -4.18
C ASP A 40 12.50 5.68 -3.98
N GLY A 41 11.85 6.59 -4.72
CA GLY A 41 12.14 8.01 -4.63
C GLY A 41 11.22 8.80 -5.57
ZN ZN C . 3.08 2.72 5.10
N GLY A 1 -21.38 -9.37 1.51
CA GLY A 1 -20.52 -8.36 2.14
C GLY A 1 -19.21 -8.19 1.40
N PRO A 2 -18.25 -7.47 1.99
CA PRO A 2 -16.94 -7.23 1.43
C PRO A 2 -16.19 -8.52 1.14
N LEU A 3 -15.18 -8.44 0.26
CA LEU A 3 -14.37 -9.60 -0.09
C LEU A 3 -13.44 -9.97 1.07
N GLY A 4 -13.05 -11.23 1.14
CA GLY A 4 -12.12 -11.71 2.16
C GLY A 4 -10.73 -11.14 1.92
N SER A 5 -9.99 -10.89 3.00
CA SER A 5 -8.66 -10.28 2.94
C SER A 5 -8.69 -8.92 2.23
N GLY A 6 -9.89 -8.33 2.09
CA GLY A 6 -10.06 -7.03 1.43
C GLY A 6 -9.96 -7.16 -0.09
N GLN A 7 -10.16 -6.04 -0.77
CA GLN A 7 -10.10 -5.98 -2.23
C GLN A 7 -8.65 -6.14 -2.69
N GLN A 8 -8.46 -6.56 -3.95
CA GLN A 8 -7.14 -6.73 -4.52
C GLN A 8 -7.16 -6.52 -6.03
N ARG A 9 -6.12 -5.85 -6.57
CA ARG A 9 -5.97 -5.60 -8.00
C ARG A 9 -4.49 -5.72 -8.36
N ALA A 10 -4.21 -6.01 -9.64
CA ALA A 10 -2.86 -6.27 -10.11
C ALA A 10 -1.98 -5.02 -10.10
N GLY A 11 -2.54 -3.87 -9.70
CA GLY A 11 -1.80 -2.61 -9.66
C GLY A 11 -1.46 -2.22 -8.22
N ASP A 12 -1.98 -2.97 -7.25
CA ASP A 12 -1.76 -2.68 -5.84
C ASP A 12 -0.30 -2.74 -5.46
N TRP A 13 0.05 -2.12 -4.32
CA TRP A 13 1.42 -2.14 -3.84
C TRP A 13 1.45 -2.00 -2.33
N LYS A 14 2.32 -2.76 -1.66
CA LYS A 14 2.43 -2.74 -0.21
C LYS A 14 3.42 -1.67 0.22
N CYS A 15 3.17 -1.05 1.38
CA CYS A 15 4.03 -0.03 1.94
C CYS A 15 5.42 -0.62 2.21
N PRO A 16 6.49 0.06 1.76
CA PRO A 16 7.86 -0.40 1.93
C PRO A 16 8.33 -0.25 3.38
N ASN A 17 7.58 0.50 4.19
CA ASN A 17 7.92 0.69 5.59
C ASN A 17 7.67 -0.62 6.34
N PRO A 18 8.67 -1.16 7.04
CA PRO A 18 8.52 -2.39 7.80
C PRO A 18 7.58 -2.17 8.99
N THR A 19 7.37 -0.90 9.35
CA THR A 19 6.44 -0.53 10.42
C THR A 19 5.01 -0.29 9.92
N CYS A 20 4.80 -0.46 8.61
CA CYS A 20 3.52 -0.18 7.97
C CYS A 20 2.97 -1.44 7.30
N GLU A 21 3.63 -1.89 6.23
CA GLU A 21 3.24 -3.06 5.46
C GLU A 21 1.77 -3.03 5.02
N ASN A 22 1.17 -1.83 4.97
CA ASN A 22 -0.21 -1.67 4.54
C ASN A 22 -0.32 -1.91 3.02
N MET A 23 -1.41 -2.56 2.58
CA MET A 23 -1.66 -2.76 1.18
C MET A 23 -2.34 -1.52 0.59
N ASN A 24 -1.55 -0.68 -0.10
CA ASN A 24 -2.06 0.55 -0.68
C ASN A 24 -2.65 0.28 -2.07
N PHE A 25 -3.67 1.05 -2.45
CA PHE A 25 -4.31 0.92 -3.75
C PHE A 25 -3.42 1.39 -4.91
N SER A 26 -3.74 0.92 -6.11
CA SER A 26 -2.92 1.16 -7.30
C SER A 26 -2.80 2.64 -7.64
N TRP A 27 -3.85 3.42 -7.34
CA TRP A 27 -3.86 4.84 -7.69
C TRP A 27 -3.10 5.71 -6.68
N ARG A 28 -2.74 5.15 -5.53
CA ARG A 28 -1.95 5.88 -4.55
C ARG A 28 -0.49 5.94 -4.96
N ASN A 29 0.19 7.04 -4.64
CA ASN A 29 1.62 7.19 -4.86
C ASN A 29 2.36 7.24 -3.52
N GLU A 30 1.62 7.28 -2.41
CA GLU A 30 2.19 7.29 -1.08
C GLU A 30 1.36 6.40 -0.16
N CYS A 31 1.97 5.96 0.95
CA CYS A 31 1.32 5.08 1.89
C CYS A 31 0.12 5.77 2.54
N ASN A 32 -0.93 5.00 2.82
CA ASN A 32 -2.16 5.51 3.38
C ASN A 32 -2.03 5.70 4.90
N GLN A 33 -0.87 5.35 5.48
CA GLN A 33 -0.72 5.33 6.92
C GLN A 33 0.57 5.99 7.38
N CYS A 34 1.63 5.92 6.55
CA CYS A 34 2.91 6.49 6.89
C CYS A 34 3.46 7.37 5.75
N LYS A 35 2.67 7.55 4.68
CA LYS A 35 3.01 8.42 3.56
C LYS A 35 4.34 8.06 2.91
N ALA A 36 4.84 6.83 3.13
CA ALA A 36 6.04 6.37 2.46
C ALA A 36 5.77 6.27 0.95
N PRO A 37 6.73 6.68 0.11
CA PRO A 37 6.55 6.71 -1.33
C PRO A 37 6.46 5.30 -1.92
N LYS A 38 5.65 5.15 -2.97
CA LYS A 38 5.56 3.88 -3.70
C LYS A 38 6.90 3.58 -4.41
N PRO A 39 7.40 4.50 -5.25
CA PRO A 39 8.73 4.38 -5.83
C PRO A 39 9.80 4.52 -4.75
N ASP A 40 11.05 4.25 -5.11
CA ASP A 40 12.17 4.34 -4.20
C ASP A 40 12.53 5.78 -3.80
N GLY A 41 11.84 6.76 -4.40
CA GLY A 41 12.06 8.16 -4.11
C GLY A 41 11.09 9.04 -4.90
ZN ZN C . 3.03 2.69 5.04
N GLY A 1 -10.91 0.18 13.30
CA GLY A 1 -11.46 -1.11 12.85
C GLY A 1 -10.37 -2.02 12.32
N PRO A 2 -10.74 -3.21 11.84
CA PRO A 2 -9.82 -4.17 11.27
C PRO A 2 -9.28 -3.67 9.92
N LEU A 3 -8.17 -4.27 9.47
CA LEU A 3 -7.55 -3.88 8.21
C LEU A 3 -8.47 -4.20 7.04
N GLY A 4 -8.33 -3.45 5.94
CA GLY A 4 -9.15 -3.64 4.75
C GLY A 4 -8.71 -4.89 3.99
N SER A 5 -9.67 -5.65 3.46
CA SER A 5 -9.39 -6.87 2.72
C SER A 5 -10.62 -7.27 1.90
N GLY A 6 -10.42 -8.17 0.92
CA GLY A 6 -11.51 -8.65 0.07
C GLY A 6 -11.47 -8.02 -1.32
N GLN A 7 -10.43 -7.24 -1.62
CA GLN A 7 -10.29 -6.59 -2.92
C GLN A 7 -8.85 -6.73 -3.42
N GLN A 8 -8.68 -6.77 -4.75
CA GLN A 8 -7.37 -6.85 -5.38
C GLN A 8 -7.45 -6.33 -6.81
N ARG A 9 -6.45 -5.55 -7.23
CA ARG A 9 -6.39 -5.03 -8.59
C ARG A 9 -4.94 -4.97 -9.07
N ALA A 10 -4.75 -5.07 -10.38
CA ALA A 10 -3.42 -4.97 -10.96
C ALA A 10 -2.82 -3.59 -10.66
N GLY A 11 -1.62 -3.58 -10.10
CA GLY A 11 -0.94 -2.34 -9.77
C GLY A 11 -0.96 -2.07 -8.25
N ASP A 12 -1.71 -2.90 -7.50
CA ASP A 12 -1.67 -2.84 -6.04
C ASP A 12 -0.26 -2.99 -5.49
N TRP A 13 0.02 -2.38 -4.34
CA TRP A 13 1.37 -2.41 -3.80
C TRP A 13 1.36 -2.25 -2.28
N LYS A 14 2.30 -2.90 -1.60
CA LYS A 14 2.40 -2.86 -0.15
C LYS A 14 3.38 -1.78 0.29
N CYS A 15 3.13 -1.17 1.45
CA CYS A 15 4.00 -0.14 1.98
C CYS A 15 5.40 -0.71 2.25
N PRO A 16 6.46 -0.05 1.76
CA PRO A 16 7.83 -0.49 1.92
C PRO A 16 8.33 -0.28 3.34
N ASN A 17 7.60 0.51 4.14
CA ASN A 17 8.00 0.79 5.52
C ASN A 17 7.79 -0.46 6.36
N PRO A 18 8.83 -0.94 7.06
CA PRO A 18 8.73 -2.12 7.90
C PRO A 18 7.85 -1.85 9.12
N THR A 19 7.65 -0.57 9.45
CA THR A 19 6.77 -0.15 10.53
C THR A 19 5.33 0.07 10.08
N CYS A 20 5.06 -0.14 8.78
CA CYS A 20 3.75 0.09 8.20
C CYS A 20 3.17 -1.21 7.65
N GLU A 21 3.79 -1.72 6.57
CA GLU A 21 3.35 -2.93 5.87
C GLU A 21 1.87 -2.89 5.46
N ASN A 22 1.27 -1.69 5.45
CA ASN A 22 -0.12 -1.53 5.03
C ASN A 22 -0.22 -1.79 3.53
N MET A 23 -1.32 -2.40 3.09
CA MET A 23 -1.56 -2.62 1.67
C MET A 23 -2.18 -1.36 1.07
N ASN A 24 -1.69 -0.93 -0.09
CA ASN A 24 -2.15 0.31 -0.71
C ASN A 24 -2.72 0.03 -2.10
N PHE A 25 -3.77 0.79 -2.46
CA PHE A 25 -4.42 0.67 -3.74
C PHE A 25 -3.53 1.11 -4.91
N SER A 26 -3.82 0.58 -6.11
CA SER A 26 -2.95 0.78 -7.27
C SER A 26 -2.84 2.25 -7.67
N TRP A 27 -3.86 3.06 -7.37
CA TRP A 27 -3.89 4.45 -7.79
C TRP A 27 -3.17 5.36 -6.79
N ARG A 28 -2.79 4.85 -5.62
CA ARG A 28 -2.02 5.61 -4.65
C ARG A 28 -0.56 5.65 -5.06
N ASN A 29 0.12 6.76 -4.75
CA ASN A 29 1.55 6.90 -4.97
C ASN A 29 2.30 6.98 -3.64
N GLU A 30 1.56 7.02 -2.53
CA GLU A 30 2.12 7.07 -1.19
C GLU A 30 1.29 6.22 -0.23
N CYS A 31 1.90 5.83 0.89
CA CYS A 31 1.26 4.98 1.87
C CYS A 31 0.07 5.70 2.49
N ASN A 32 -0.95 4.93 2.88
CA ASN A 32 -2.18 5.47 3.41
C ASN A 32 -2.06 5.61 4.93
N GLN A 33 -0.88 5.33 5.49
CA GLN A 33 -0.70 5.28 6.94
C GLN A 33 0.58 5.96 7.38
N CYS A 34 1.63 5.90 6.55
CA CYS A 34 2.93 6.48 6.88
C CYS A 34 3.46 7.37 5.76
N LYS A 35 2.66 7.56 4.69
CA LYS A 35 2.98 8.44 3.58
C LYS A 35 4.28 8.06 2.88
N ALA A 36 4.80 6.85 3.11
CA ALA A 36 5.99 6.38 2.43
C ALA A 36 5.69 6.25 0.94
N PRO A 37 6.64 6.61 0.06
CA PRO A 37 6.46 6.59 -1.37
C PRO A 37 6.36 5.15 -1.90
N LYS A 38 5.59 4.96 -2.97
CA LYS A 38 5.51 3.68 -3.66
C LYS A 38 6.86 3.35 -4.34
N PRO A 39 7.38 4.25 -5.19
CA PRO A 39 8.73 4.12 -5.73
C PRO A 39 9.77 4.34 -4.64
N ASP A 40 11.04 4.23 -5.01
CA ASP A 40 12.15 4.42 -4.09
C ASP A 40 12.36 5.88 -3.69
N GLY A 41 11.61 6.80 -4.32
CA GLY A 41 11.72 8.22 -4.02
C GLY A 41 10.75 9.04 -4.86
ZN ZN C . 3.07 2.72 5.07
N GLY A 1 1.29 -1.24 10.79
CA GLY A 1 0.04 -0.80 10.14
C GLY A 1 -0.95 -1.94 10.03
N PRO A 2 -2.18 -1.65 9.56
CA PRO A 2 -3.23 -2.62 9.39
C PRO A 2 -2.90 -3.58 8.24
N LEU A 3 -3.62 -4.71 8.19
CA LEU A 3 -3.40 -5.74 7.19
C LEU A 3 -3.93 -5.32 5.81
N GLY A 4 -4.56 -4.15 5.72
CA GLY A 4 -5.11 -3.64 4.48
C GLY A 4 -6.41 -4.32 4.11
N SER A 5 -6.92 -4.03 2.90
CA SER A 5 -8.18 -4.59 2.42
C SER A 5 -7.99 -6.04 1.96
N GLY A 6 -9.08 -6.81 1.95
CA GLY A 6 -9.06 -8.18 1.46
C GLY A 6 -9.10 -8.23 -0.07
N GLN A 7 -9.41 -7.11 -0.72
CA GLN A 7 -9.44 -7.05 -2.17
C GLN A 7 -8.03 -6.97 -2.74
N GLN A 8 -7.87 -7.38 -4.01
CA GLN A 8 -6.61 -7.28 -4.72
C GLN A 8 -6.89 -6.89 -6.17
N ARG A 9 -6.08 -5.97 -6.71
CA ARG A 9 -6.24 -5.49 -8.09
C ARG A 9 -4.85 -5.24 -8.70
N ALA A 10 -4.78 -5.30 -10.03
CA ALA A 10 -3.52 -5.11 -10.73
C ALA A 10 -2.97 -3.71 -10.46
N GLY A 11 -1.72 -3.63 -10.00
CA GLY A 11 -1.06 -2.36 -9.75
C GLY A 11 -1.01 -2.04 -8.26
N ASP A 12 -1.72 -2.84 -7.44
CA ASP A 12 -1.63 -2.71 -5.99
C ASP A 12 -0.20 -2.85 -5.49
N TRP A 13 0.12 -2.25 -4.33
CA TRP A 13 1.47 -2.28 -3.81
C TRP A 13 1.47 -2.14 -2.29
N LYS A 14 2.35 -2.89 -1.61
CA LYS A 14 2.44 -2.86 -0.16
C LYS A 14 3.42 -1.77 0.27
N CYS A 15 3.18 -1.17 1.44
CA CYS A 15 4.04 -0.13 1.97
C CYS A 15 5.43 -0.70 2.25
N PRO A 16 6.50 -0.02 1.79
CA PRO A 16 7.87 -0.45 1.98
C PRO A 16 8.33 -0.24 3.42
N ASN A 17 7.57 0.53 4.21
CA ASN A 17 7.92 0.80 5.59
C ASN A 17 7.70 -0.47 6.41
N PRO A 18 8.71 -0.96 7.14
CA PRO A 18 8.62 -2.19 7.91
C PRO A 18 7.68 -2.02 9.10
N THR A 19 7.41 -0.77 9.49
CA THR A 19 6.46 -0.47 10.57
C THR A 19 5.04 -0.28 10.05
N CYS A 20 4.87 -0.25 8.72
CA CYS A 20 3.58 0.00 8.09
C CYS A 20 3.04 -1.29 7.49
N GLU A 21 3.67 -1.78 6.42
CA GLU A 21 3.26 -2.98 5.70
C GLU A 21 1.79 -2.94 5.27
N ASN A 22 1.17 -1.74 5.26
CA ASN A 22 -0.20 -1.59 4.81
C ASN A 22 -0.29 -1.88 3.32
N MET A 23 -1.39 -2.48 2.88
CA MET A 23 -1.60 -2.75 1.47
C MET A 23 -2.25 -1.54 0.81
N ASN A 24 -1.50 -0.81 0.00
CA ASN A 24 -2.00 0.41 -0.63
C ASN A 24 -2.58 0.11 -2.01
N PHE A 25 -3.62 0.87 -2.37
CA PHE A 25 -4.30 0.71 -3.64
C PHE A 25 -3.47 1.14 -4.85
N SER A 26 -3.83 0.65 -6.03
CA SER A 26 -3.04 0.85 -7.24
C SER A 26 -2.94 2.32 -7.62
N TRP A 27 -3.99 3.10 -7.34
CA TRP A 27 -4.02 4.50 -7.75
C TRP A 27 -3.25 5.43 -6.79
N ARG A 28 -2.81 4.91 -5.65
CA ARG A 28 -2.01 5.70 -4.71
C ARG A 28 -0.56 5.75 -5.15
N ASN A 29 0.14 6.83 -4.79
CA ASN A 29 1.57 6.97 -5.02
C ASN A 29 2.33 7.05 -3.70
N GLU A 30 1.60 7.12 -2.59
CA GLU A 30 2.18 7.16 -1.25
C GLU A 30 1.34 6.32 -0.29
N CYS A 31 1.94 5.93 0.84
CA CYS A 31 1.29 5.09 1.82
C CYS A 31 0.09 5.81 2.44
N ASN A 32 -0.90 5.02 2.85
CA ASN A 32 -2.14 5.55 3.41
C ASN A 32 -2.04 5.64 4.94
N GLN A 33 -0.85 5.32 5.49
CA GLN A 33 -0.67 5.20 6.93
C GLN A 33 0.61 5.88 7.40
N CYS A 34 1.65 5.87 6.56
CA CYS A 34 2.93 6.46 6.90
C CYS A 34 3.46 7.36 5.78
N LYS A 35 2.66 7.53 4.72
CA LYS A 35 2.97 8.42 3.60
C LYS A 35 4.29 8.07 2.90
N ALA A 36 4.81 6.86 3.12
CA ALA A 36 6.01 6.41 2.44
C ALA A 36 5.72 6.30 0.94
N PRO A 37 6.67 6.69 0.07
CA PRO A 37 6.49 6.70 -1.36
C PRO A 37 6.44 5.27 -1.92
N LYS A 38 5.69 5.08 -3.00
CA LYS A 38 5.63 3.81 -3.70
C LYS A 38 6.97 3.51 -4.38
N PRO A 39 7.46 4.40 -5.26
CA PRO A 39 8.80 4.30 -5.83
C PRO A 39 9.86 4.51 -4.76
N ASP A 40 11.11 4.21 -5.10
CA ASP A 40 12.23 4.36 -4.18
C ASP A 40 12.58 5.83 -3.90
N GLY A 41 12.01 6.75 -4.69
CA GLY A 41 12.28 8.16 -4.55
C GLY A 41 13.67 8.52 -5.07
ZN ZN C . 3.05 2.73 5.01
N GLY A 1 -8.89 -15.66 3.12
CA GLY A 1 -8.62 -15.39 4.53
C GLY A 1 -9.90 -15.02 5.28
N PRO A 2 -9.87 -15.12 6.61
CA PRO A 2 -11.02 -14.83 7.46
C PRO A 2 -11.30 -13.33 7.55
N LEU A 3 -10.36 -12.50 7.08
CA LEU A 3 -10.51 -11.05 7.11
C LEU A 3 -11.54 -10.59 6.09
N GLY A 4 -12.10 -9.40 6.31
CA GLY A 4 -13.09 -8.81 5.41
C GLY A 4 -12.42 -8.17 4.20
N SER A 5 -11.09 -8.17 4.16
CA SER A 5 -10.32 -7.58 3.06
C SER A 5 -10.58 -8.36 1.77
N GLY A 6 -10.44 -7.68 0.63
CA GLY A 6 -10.68 -8.30 -0.68
C GLY A 6 -10.58 -7.25 -1.79
N GLN A 7 -11.17 -7.54 -2.93
CA GLN A 7 -11.18 -6.65 -4.09
C GLN A 7 -9.77 -6.24 -4.50
N GLN A 8 -8.77 -7.10 -4.25
CA GLN A 8 -7.39 -6.84 -4.59
C GLN A 8 -7.24 -6.63 -6.10
N ARG A 9 -6.27 -5.80 -6.52
CA ARG A 9 -6.04 -5.52 -7.93
C ARG A 9 -4.56 -5.67 -8.26
N ALA A 10 -4.25 -6.02 -9.51
CA ALA A 10 -2.89 -6.31 -9.94
C ALA A 10 -2.01 -5.06 -9.98
N GLY A 11 -2.59 -3.90 -9.67
CA GLY A 11 -1.85 -2.64 -9.67
C GLY A 11 -1.50 -2.21 -8.24
N ASP A 12 -2.01 -2.96 -7.24
CA ASP A 12 -1.78 -2.66 -5.83
C ASP A 12 -0.31 -2.74 -5.46
N TRP A 13 0.06 -2.12 -4.33
CA TRP A 13 1.43 -2.14 -3.87
C TRP A 13 1.48 -2.00 -2.35
N LYS A 14 2.34 -2.78 -1.70
CA LYS A 14 2.45 -2.77 -0.25
C LYS A 14 3.45 -1.70 0.18
N CYS A 15 3.18 -1.07 1.33
CA CYS A 15 4.05 -0.04 1.87
C CYS A 15 5.44 -0.63 2.15
N PRO A 16 6.50 0.06 1.71
CA PRO A 16 7.87 -0.40 1.88
C PRO A 16 8.34 -0.26 3.33
N ASN A 17 7.59 0.49 4.15
CA ASN A 17 7.94 0.68 5.55
C ASN A 17 7.70 -0.63 6.30
N PRO A 18 8.71 -1.17 7.00
CA PRO A 18 8.54 -2.38 7.80
C PRO A 18 7.61 -2.12 8.98
N THR A 19 7.39 -0.84 9.29
CA THR A 19 6.46 -0.43 10.35
C THR A 19 5.05 -0.14 9.83
N CYS A 20 4.80 -0.45 8.55
CA CYS A 20 3.52 -0.17 7.91
C CYS A 20 2.97 -1.43 7.25
N GLU A 21 3.64 -1.87 6.19
CA GLU A 21 3.25 -3.06 5.41
C GLU A 21 1.78 -3.01 4.96
N ASN A 22 1.17 -1.83 4.93
CA ASN A 22 -0.21 -1.68 4.48
C ASN A 22 -0.30 -1.91 2.98
N MET A 23 -1.35 -2.60 2.54
CA MET A 23 -1.60 -2.81 1.12
C MET A 23 -2.27 -1.57 0.53
N ASN A 24 -1.48 -0.71 -0.13
CA ASN A 24 -1.99 0.52 -0.70
C ASN A 24 -2.61 0.26 -2.08
N PHE A 25 -3.64 1.05 -2.42
CA PHE A 25 -4.30 0.95 -3.71
C PHE A 25 -3.43 1.41 -4.88
N SER A 26 -3.75 0.93 -6.09
CA SER A 26 -2.94 1.17 -7.27
C SER A 26 -2.82 2.64 -7.62
N TRP A 27 -3.88 3.43 -7.36
CA TRP A 27 -3.89 4.84 -7.73
C TRP A 27 -3.11 5.71 -6.75
N ARG A 28 -2.72 5.17 -5.58
CA ARG A 28 -1.93 5.91 -4.62
C ARG A 28 -0.47 5.95 -5.04
N ASN A 29 0.22 7.06 -4.71
CA ASN A 29 1.65 7.19 -4.94
C ASN A 29 2.40 7.24 -3.60
N GLU A 30 1.65 7.26 -2.50
CA GLU A 30 2.21 7.28 -1.15
C GLU A 30 1.35 6.41 -0.22
N CYS A 31 1.94 6.00 0.90
CA CYS A 31 1.30 5.11 1.84
C CYS A 31 0.09 5.80 2.48
N ASN A 32 -0.94 5.01 2.80
CA ASN A 32 -2.17 5.50 3.37
C ASN A 32 -2.04 5.68 4.88
N GLN A 33 -0.89 5.33 5.47
CA GLN A 33 -0.75 5.30 6.92
C GLN A 33 0.55 5.96 7.38
N CYS A 34 1.62 5.81 6.60
CA CYS A 34 2.92 6.38 6.95
C CYS A 34 3.45 7.31 5.85
N LYS A 35 2.65 7.50 4.79
CA LYS A 35 2.96 8.42 3.69
C LYS A 35 4.29 8.10 3.00
N ALA A 36 4.81 6.89 3.19
CA ALA A 36 6.02 6.45 2.50
C ALA A 36 5.72 6.34 1.00
N PRO A 37 6.67 6.73 0.14
CA PRO A 37 6.47 6.75 -1.30
C PRO A 37 6.39 5.32 -1.85
N LYS A 38 5.63 5.16 -2.95
CA LYS A 38 5.56 3.89 -3.67
C LYS A 38 6.91 3.57 -4.33
N PRO A 39 7.45 4.46 -5.18
CA PRO A 39 8.79 4.33 -5.72
C PRO A 39 9.83 4.50 -4.61
N ASP A 40 11.10 4.18 -4.92
CA ASP A 40 12.18 4.29 -3.96
C ASP A 40 12.58 5.74 -3.67
N GLY A 41 11.93 6.69 -4.36
CA GLY A 41 12.21 8.12 -4.19
C GLY A 41 11.30 8.94 -5.09
ZN ZN C . 3.04 2.69 4.97
N GLY A 1 -15.33 -18.36 -12.50
CA GLY A 1 -14.27 -19.06 -13.24
C GLY A 1 -13.24 -19.67 -12.29
N PRO A 2 -12.45 -20.63 -12.78
CA PRO A 2 -11.44 -21.34 -11.99
C PRO A 2 -10.28 -20.42 -11.61
N LEU A 3 -10.21 -19.24 -12.24
CA LEU A 3 -9.15 -18.27 -11.94
C LEU A 3 -9.44 -17.54 -10.63
N GLY A 4 -10.61 -17.78 -10.03
CA GLY A 4 -11.01 -17.14 -8.79
C GLY A 4 -11.39 -15.69 -9.01
N SER A 5 -11.66 -14.96 -7.92
CA SER A 5 -12.04 -13.56 -7.97
C SER A 5 -11.72 -12.88 -6.63
N GLY A 6 -11.60 -11.56 -6.63
CA GLY A 6 -11.29 -10.80 -5.43
C GLY A 6 -11.26 -9.30 -5.72
N GLN A 7 -11.12 -8.48 -4.68
CA GLN A 7 -11.09 -7.03 -4.80
C GLN A 7 -9.73 -6.53 -5.28
N GLN A 8 -8.73 -7.41 -5.36
CA GLN A 8 -7.37 -7.03 -5.76
C GLN A 8 -7.38 -6.46 -7.18
N ARG A 9 -6.43 -5.56 -7.47
CA ARG A 9 -6.32 -4.94 -8.79
C ARG A 9 -4.86 -4.86 -9.22
N ALA A 10 -4.63 -4.88 -10.53
CA ALA A 10 -3.29 -4.79 -11.08
C ALA A 10 -2.68 -3.45 -10.71
N GLY A 11 -1.49 -3.48 -10.10
CA GLY A 11 -0.78 -2.27 -9.69
C GLY A 11 -0.85 -2.09 -8.18
N ASP A 12 -1.62 -2.93 -7.47
CA ASP A 12 -1.62 -2.91 -6.01
C ASP A 12 -0.22 -3.06 -5.44
N TRP A 13 0.05 -2.43 -4.29
CA TRP A 13 1.39 -2.45 -3.73
C TRP A 13 1.36 -2.28 -2.21
N LYS A 14 2.29 -2.96 -1.53
CA LYS A 14 2.37 -2.91 -0.07
C LYS A 14 3.34 -1.82 0.35
N CYS A 15 3.11 -1.22 1.52
CA CYS A 15 3.96 -0.18 2.04
C CYS A 15 5.37 -0.73 2.31
N PRO A 16 6.42 -0.07 1.80
CA PRO A 16 7.80 -0.51 1.95
C PRO A 16 8.31 -0.28 3.36
N ASN A 17 7.59 0.51 4.17
CA ASN A 17 7.99 0.80 5.55
C ASN A 17 7.78 -0.47 6.39
N PRO A 18 8.82 -0.96 7.08
CA PRO A 18 8.72 -2.12 7.93
C PRO A 18 7.85 -1.82 9.16
N THR A 19 7.63 -0.54 9.45
CA THR A 19 6.76 -0.10 10.53
C THR A 19 5.31 0.11 10.08
N CYS A 20 5.04 -0.13 8.80
CA CYS A 20 3.73 0.10 8.21
C CYS A 20 3.16 -1.21 7.64
N GLU A 21 3.79 -1.71 6.58
CA GLU A 21 3.37 -2.92 5.88
C GLU A 21 1.89 -2.89 5.47
N ASN A 22 1.27 -1.71 5.48
CA ASN A 22 -0.12 -1.57 5.07
C ASN A 22 -0.25 -1.82 3.57
N MET A 23 -1.36 -2.41 3.13
CA MET A 23 -1.59 -2.63 1.71
C MET A 23 -2.21 -1.37 1.11
N ASN A 24 -1.69 -0.93 -0.05
CA ASN A 24 -2.15 0.30 -0.68
C ASN A 24 -2.69 0.00 -2.08
N PHE A 25 -3.72 0.74 -2.48
CA PHE A 25 -4.37 0.56 -3.77
C PHE A 25 -3.49 1.05 -4.93
N SER A 26 -3.75 0.54 -6.13
CA SER A 26 -2.91 0.76 -7.30
C SER A 26 -2.82 2.24 -7.67
N TRP A 27 -3.85 3.03 -7.35
CA TRP A 27 -3.89 4.42 -7.73
C TRP A 27 -3.20 5.35 -6.72
N ARG A 28 -2.83 4.82 -5.55
CA ARG A 28 -2.07 5.59 -4.58
C ARG A 28 -0.60 5.66 -4.99
N ASN A 29 0.05 6.78 -4.71
CA ASN A 29 1.48 6.95 -4.95
C ASN A 29 2.24 7.00 -3.63
N GLU A 30 1.50 7.04 -2.51
CA GLU A 30 2.08 7.08 -1.17
C GLU A 30 1.26 6.22 -0.22
N CYS A 31 1.88 5.83 0.90
CA CYS A 31 1.24 4.99 1.90
C CYS A 31 0.04 5.71 2.51
N ASN A 32 -0.97 4.95 2.91
CA ASN A 32 -2.19 5.50 3.47
C ASN A 32 -2.03 5.75 4.98
N GLN A 33 -0.86 5.44 5.56
CA GLN A 33 -0.70 5.47 7.00
C GLN A 33 0.62 6.13 7.42
N CYS A 34 1.68 5.93 6.63
CA CYS A 34 3.00 6.48 6.93
C CYS A 34 3.52 7.36 5.78
N LYS A 35 2.70 7.54 4.74
CA LYS A 35 3.00 8.41 3.61
C LYS A 35 4.28 8.02 2.87
N ALA A 36 4.79 6.81 3.10
CA ALA A 36 5.98 6.34 2.40
C ALA A 36 5.66 6.21 0.90
N PRO A 37 6.59 6.59 0.02
CA PRO A 37 6.37 6.58 -1.41
C PRO A 37 6.32 5.16 -1.95
N LYS A 38 5.53 4.96 -3.01
CA LYS A 38 5.46 3.67 -3.70
C LYS A 38 6.80 3.37 -4.41
N PRO A 39 7.29 4.26 -5.29
CA PRO A 39 8.60 4.15 -5.87
C PRO A 39 9.69 4.37 -4.82
N ASP A 40 10.94 4.05 -5.17
CA ASP A 40 12.07 4.21 -4.28
C ASP A 40 12.44 5.68 -4.04
N GLY A 41 11.79 6.61 -4.75
CA GLY A 41 12.05 8.03 -4.62
C GLY A 41 11.15 8.82 -5.57
ZN ZN C . 3.06 2.74 5.09
N GLY A 1 -15.99 -17.42 9.70
CA GLY A 1 -15.52 -16.08 9.29
C GLY A 1 -16.69 -15.22 8.78
N PRO A 2 -16.44 -13.94 8.52
CA PRO A 2 -17.42 -13.00 8.02
C PRO A 2 -17.81 -13.33 6.58
N LEU A 3 -18.94 -12.78 6.12
CA LEU A 3 -19.41 -13.00 4.76
C LEU A 3 -18.56 -12.21 3.76
N GLY A 4 -17.89 -11.16 4.24
CA GLY A 4 -17.05 -10.33 3.39
C GLY A 4 -15.74 -11.03 3.02
N SER A 5 -14.97 -10.43 2.11
CA SER A 5 -13.71 -11.01 1.65
C SER A 5 -12.80 -9.90 1.11
N GLY A 6 -11.48 -10.16 1.10
CA GLY A 6 -10.50 -9.21 0.60
C GLY A 6 -10.58 -9.09 -0.91
N GLN A 7 -9.87 -8.12 -1.47
CA GLN A 7 -9.86 -7.84 -2.91
C GLN A 7 -8.45 -7.48 -3.37
N GLN A 8 -8.22 -7.54 -4.68
CA GLN A 8 -6.93 -7.21 -5.26
C GLN A 8 -7.12 -6.69 -6.68
N ARG A 9 -6.26 -5.74 -7.10
CA ARG A 9 -6.29 -5.18 -8.44
C ARG A 9 -4.86 -5.03 -8.96
N ALA A 10 -4.70 -5.07 -10.28
CA ALA A 10 -3.40 -4.94 -10.89
C ALA A 10 -2.82 -3.57 -10.58
N GLY A 11 -1.61 -3.54 -10.00
CA GLY A 11 -0.92 -2.31 -9.66
C GLY A 11 -0.94 -2.06 -8.16
N ASP A 12 -1.68 -2.87 -7.40
CA ASP A 12 -1.65 -2.77 -5.94
C ASP A 12 -0.24 -2.95 -5.39
N TRP A 13 0.05 -2.32 -4.25
CA TRP A 13 1.40 -2.35 -3.70
C TRP A 13 1.36 -2.15 -2.19
N LYS A 14 2.25 -2.86 -1.49
CA LYS A 14 2.32 -2.79 -0.04
C LYS A 14 3.37 -1.76 0.38
N CYS A 15 3.13 -1.09 1.51
CA CYS A 15 4.03 -0.07 2.02
C CYS A 15 5.41 -0.67 2.29
N PRO A 16 6.49 -0.02 1.80
CA PRO A 16 7.85 -0.49 1.97
C PRO A 16 8.34 -0.29 3.40
N ASN A 17 7.62 0.50 4.20
CA ASN A 17 8.00 0.76 5.58
C ASN A 17 7.77 -0.52 6.39
N PRO A 18 8.79 -1.03 7.09
CA PRO A 18 8.65 -2.22 7.92
C PRO A 18 7.74 -1.95 9.12
N THR A 19 7.51 -0.67 9.43
CA THR A 19 6.60 -0.26 10.49
C THR A 19 5.17 -0.03 10.00
N CYS A 20 4.94 -0.25 8.70
CA CYS A 20 3.64 0.02 8.08
C CYS A 20 3.07 -1.26 7.47
N GLU A 21 3.71 -1.76 6.41
CA GLU A 21 3.29 -2.95 5.68
C GLU A 21 1.81 -2.90 5.26
N ASN A 22 1.23 -1.70 5.20
CA ASN A 22 -0.17 -1.55 4.78
C ASN A 22 -0.31 -1.85 3.29
N MET A 23 -1.42 -2.51 2.92
CA MET A 23 -1.70 -2.82 1.52
C MET A 23 -2.35 -1.60 0.87
N ASN A 24 -1.57 -0.85 0.08
CA ASN A 24 -2.06 0.36 -0.57
C ASN A 24 -2.65 0.04 -1.94
N PHE A 25 -3.67 0.81 -2.34
CA PHE A 25 -4.33 0.63 -3.62
C PHE A 25 -3.48 1.07 -4.81
N SER A 26 -3.78 0.53 -5.99
CA SER A 26 -2.99 0.76 -7.20
C SER A 26 -2.93 2.23 -7.59
N TRP A 27 -3.94 3.01 -7.22
CA TRP A 27 -4.02 4.41 -7.63
C TRP A 27 -3.28 5.34 -6.66
N ARG A 28 -2.81 4.82 -5.52
CA ARG A 28 -2.01 5.61 -4.59
C ARG A 28 -0.56 5.66 -5.04
N ASN A 29 0.12 6.77 -4.73
CA ASN A 29 1.55 6.92 -4.99
C ASN A 29 2.32 7.02 -3.68
N GLU A 30 1.59 7.08 -2.56
CA GLU A 30 2.16 7.15 -1.22
C GLU A 30 1.35 6.27 -0.28
N CYS A 31 1.96 5.90 0.85
CA CYS A 31 1.33 5.04 1.83
C CYS A 31 0.13 5.76 2.45
N ASN A 32 -0.90 4.99 2.80
CA ASN A 32 -2.13 5.53 3.34
C ASN A 32 -2.03 5.67 4.86
N GLN A 33 -0.86 5.35 5.43
CA GLN A 33 -0.71 5.26 6.87
C GLN A 33 0.58 5.94 7.34
N CYS A 34 1.62 5.92 6.51
CA CYS A 34 2.91 6.54 6.85
C CYS A 34 3.44 7.40 5.70
N LYS A 35 2.65 7.56 4.63
CA LYS A 35 2.99 8.40 3.49
C LYS A 35 4.32 8.05 2.83
N ALA A 36 4.85 6.85 3.09
CA ALA A 36 6.04 6.39 2.40
C ALA A 36 5.75 6.25 0.91
N PRO A 37 6.69 6.63 0.04
CA PRO A 37 6.49 6.62 -1.40
C PRO A 37 6.40 5.19 -1.93
N LYS A 38 5.63 5.00 -3.01
CA LYS A 38 5.56 3.72 -3.70
C LYS A 38 6.89 3.41 -4.37
N PRO A 39 7.42 4.29 -5.24
CA PRO A 39 8.76 4.17 -5.79
C PRO A 39 9.81 4.40 -4.70
N ASP A 40 11.08 4.28 -5.08
CA ASP A 40 12.21 4.48 -4.17
C ASP A 40 12.40 5.94 -3.76
N GLY A 41 11.63 6.86 -4.37
CA GLY A 41 11.74 8.28 -4.08
C GLY A 41 10.80 9.10 -4.96
ZN ZN C . 3.10 2.77 5.04
N GLY A 1 -15.41 -9.00 14.26
CA GLY A 1 -14.80 -10.20 13.66
C GLY A 1 -13.56 -9.84 12.84
N PRO A 2 -12.91 -10.84 12.24
CA PRO A 2 -11.72 -10.65 11.41
C PRO A 2 -12.08 -9.94 10.11
N LEU A 3 -11.06 -9.52 9.37
CA LEU A 3 -11.25 -8.84 8.09
C LEU A 3 -11.86 -9.81 7.07
N GLY A 4 -12.59 -9.25 6.09
CA GLY A 4 -13.22 -10.05 5.05
C GLY A 4 -12.20 -10.59 4.06
N SER A 5 -12.68 -11.15 2.93
CA SER A 5 -11.82 -11.72 1.91
C SER A 5 -10.99 -10.65 1.21
N GLY A 6 -11.32 -9.37 1.42
CA GLY A 6 -10.57 -8.25 0.86
C GLY A 6 -10.77 -8.17 -0.66
N GLN A 7 -9.87 -7.45 -1.32
CA GLN A 7 -9.92 -7.26 -2.77
C GLN A 7 -8.51 -6.98 -3.30
N GLN A 8 -8.27 -7.30 -4.57
CA GLN A 8 -6.97 -7.08 -5.19
C GLN A 8 -7.15 -6.64 -6.64
N ARG A 9 -6.22 -5.80 -7.12
CA ARG A 9 -6.21 -5.32 -8.50
C ARG A 9 -4.78 -5.20 -9.01
N ALA A 10 -4.60 -5.34 -10.32
CA ALA A 10 -3.29 -5.22 -10.92
C ALA A 10 -2.75 -3.82 -10.68
N GLY A 11 -1.54 -3.72 -10.12
CA GLY A 11 -0.89 -2.45 -9.85
C GLY A 11 -0.93 -2.10 -8.37
N ASP A 12 -1.65 -2.89 -7.56
CA ASP A 12 -1.62 -2.72 -6.10
C ASP A 12 -0.21 -2.87 -5.54
N TRP A 13 0.04 -2.29 -4.37
CA TRP A 13 1.38 -2.32 -3.80
C TRP A 13 1.34 -2.18 -2.28
N LYS A 14 2.24 -2.88 -1.59
CA LYS A 14 2.32 -2.86 -0.14
C LYS A 14 3.31 -1.79 0.29
N CYS A 15 3.08 -1.18 1.45
CA CYS A 15 3.95 -0.16 1.99
C CYS A 15 5.35 -0.74 2.24
N PRO A 16 6.40 -0.06 1.74
CA PRO A 16 7.78 -0.51 1.88
C PRO A 16 8.30 -0.30 3.31
N ASN A 17 7.57 0.47 4.13
CA ASN A 17 7.97 0.74 5.50
C ASN A 17 7.76 -0.52 6.33
N PRO A 18 8.80 -1.03 7.00
CA PRO A 18 8.69 -2.20 7.86
C PRO A 18 7.82 -1.89 9.08
N THR A 19 7.64 -0.59 9.38
CA THR A 19 6.78 -0.15 10.46
C THR A 19 5.33 0.07 10.03
N CYS A 20 5.04 -0.18 8.74
CA CYS A 20 3.72 0.05 8.16
C CYS A 20 3.15 -1.24 7.59
N GLU A 21 3.75 -1.72 6.49
CA GLU A 21 3.33 -2.92 5.79
C GLU A 21 1.84 -2.89 5.40
N ASN A 22 1.22 -1.70 5.41
CA ASN A 22 -0.17 -1.56 5.01
C ASN A 22 -0.29 -1.80 3.52
N MET A 23 -1.42 -2.38 3.08
CA MET A 23 -1.66 -2.61 1.66
C MET A 23 -2.28 -1.36 1.05
N ASN A 24 -1.70 -0.87 -0.05
CA ASN A 24 -2.16 0.36 -0.68
C ASN A 24 -2.70 0.08 -2.08
N PHE A 25 -3.73 0.83 -2.48
CA PHE A 25 -4.37 0.67 -3.76
C PHE A 25 -3.50 1.17 -4.92
N SER A 26 -3.77 0.66 -6.13
CA SER A 26 -2.94 0.93 -7.29
C SER A 26 -2.88 2.41 -7.64
N TRP A 27 -3.96 3.15 -7.37
CA TRP A 27 -4.02 4.57 -7.72
C TRP A 27 -3.28 5.46 -6.72
N ARG A 28 -2.84 4.90 -5.59
CA ARG A 28 -2.05 5.65 -4.62
C ARG A 28 -0.59 5.71 -5.06
N ASN A 29 0.12 6.77 -4.67
CA ASN A 29 1.55 6.90 -4.90
C ASN A 29 2.30 6.99 -3.57
N GLU A 30 1.55 7.10 -2.47
CA GLU A 30 2.10 7.17 -1.12
C GLU A 30 1.29 6.28 -0.20
N CYS A 31 1.90 5.86 0.92
CA CYS A 31 1.25 5.01 1.89
C CYS A 31 0.06 5.72 2.54
N ASN A 32 -0.97 4.95 2.90
CA ASN A 32 -2.18 5.50 3.47
C ASN A 32 -2.02 5.76 4.97
N GLN A 33 -0.85 5.44 5.55
CA GLN A 33 -0.69 5.51 7.00
C GLN A 33 0.64 6.18 7.38
N CYS A 34 1.71 5.88 6.66
CA CYS A 34 3.03 6.44 6.95
C CYS A 34 3.52 7.35 5.81
N LYS A 35 2.69 7.51 4.77
CA LYS A 35 2.98 8.38 3.63
C LYS A 35 4.29 8.03 2.93
N ALA A 36 4.80 6.82 3.15
CA ALA A 36 5.99 6.36 2.45
C ALA A 36 5.69 6.24 0.96
N PRO A 37 6.64 6.62 0.10
CA PRO A 37 6.44 6.63 -1.35
C PRO A 37 6.36 5.20 -1.88
N LYS A 38 5.60 5.01 -2.97
CA LYS A 38 5.52 3.73 -3.67
C LYS A 38 6.85 3.41 -4.35
N PRO A 39 7.37 4.30 -5.22
CA PRO A 39 8.70 4.17 -5.79
C PRO A 39 9.76 4.37 -4.71
N ASP A 40 11.03 4.11 -5.06
CA ASP A 40 12.14 4.24 -4.14
C ASP A 40 12.48 5.70 -3.83
N GLY A 41 11.80 6.65 -4.51
CA GLY A 41 12.02 8.07 -4.30
C GLY A 41 11.09 8.89 -5.18
ZN ZN C . 3.06 2.70 5.07
#